data_3ZMU
#
_entry.id   3ZMU
#
_cell.length_a   120.100
_cell.length_b   180.170
_cell.length_c   233.958
_cell.angle_alpha   90.00
_cell.angle_beta   90.00
_cell.angle_gamma   90.00
#
_symmetry.space_group_name_H-M   'I 2 2 2'
#
loop_
_entity.id
_entity.type
_entity.pdbx_description
1 polymer 'LYSINE-SPECIFIC HISTONE DEMETHYLASE 1A'
2 polymer 'REST COREPRESSOR 1'
3 polymer 'PKSFLV PEPTIDE'
4 non-polymer 'FLAVIN-ADENINE DINUCLEOTIDE'
#
loop_
_entity_poly.entity_id
_entity_poly.type
_entity_poly.pdbx_seq_one_letter_code
_entity_poly.pdbx_strand_id
1 'polypeptide(L)'
;MLSGKKAAAAAAAAAAAATGTEAGPGTAGGSENGSEVAAQPAGLSGPAEVGPGAVGERTPRKKEPPRASPPGGLAEPPGS
AGPQAGPTVVPGSATPMETGIAETPEGRRTSRRKRAKVEYREMDESLANLSEDEYYSEEERNAKAEKEKKLPPPPPQAPP
EEENESEPEEPSGQAGGLQDDSSGGYGDGQASGVEGAAFQSRLPHDRMTSQEAACFPDIISGPQQTQKVFLFIRNRTLQL
WLDNPKIQLTFEATLQQLEAPYNSDTVLVHRVHSYLERHGLINFGIYKRIKPLPTKKTGKVIIIGSGVSGLAAARQLQSF
GMDVTLLEARDRVGGRVATFRKGNYVADLGAMVVTGLGGNPMAVVSKQVNMELAKIKQKCPLYEANGQAVPKEKDEMVEQ
EFNRLLEATSYLSHQLDFNVLNNKPVSLGQALEVVIQLQEKHVKDEQIEHWKKIVKTQEELKELLNKMVNLKEKIKELHQ
QYKEASEVKPPRDITAEFLVKSKHRDLTALCKEYDELAETQGKLEEKLQELEANPPSDVYLSSRDRQILDWHFANLEFAN
ATPLSTLSLKHWDQDDDFEFTGSHLTVRNGYSCVPVALAEGLDIKLNTAVRQVRYTASGCEVIAVNTRSTSQTFIYKCDA
VLCTLPLGVLKQQPPAVQFVPPLPEWKTSAVQRMGFGNLNKVVLCFDRVFWDPSVNLFGHVGSTTASRGELFLFWNLYKA
PILLALVAGEAAGIMENISDDVIVGRCLAILKGIFGSSAVPQPKETVVSRWRADPWARGSYSYVAAGSSGNDYDLMAQPI
TPGPSIPGAPQPIPRLFFAGEHTIRNYPATVHGALLSGLREAGRIADQFLGAMYTLPRQATPGVPAQQSPSM
;
A
2 'polypeptide(L)'
;MVEKGPEVSGKRRGRNNAAASASAAAASAAASAACASPAATAASGAAASSASAAAASAAAAPNNGQNKSLAAAAPNGNSS
SNSWEEGSSGSSSDEEHGGGGMRVGPQYQAVVPDFDPAKLARRSQERDNLGMLVWSPNQNLSEAKLDEYIAIAKEKHGYN
MEQALGMLFWHKHNIEKSLADLPNFTPFPDEWTVEDKVLFEQAFSFHGKTFHRIQQMLPDKSIASLVKFYYSWKKTRTKT
SVMDRHARKQKREREESEDELEEANGNNPIDIEVDQNKESKKEVPPTETVPQVKKEKHSTQAKNRAKRKPPKGMFLSQED
VEAVSANATAATTVLRQLDMELVSVKRQIQNIKQTNSALKEKLDGGIEPYRLPEVIQKCNARWTTEEQLLAVQAIRKYGR
DFQAISDVIGNKSVVQVKNFFVNYRRRFNIDEVLQEWEAEHGKEETNGPSNQKPVKSPDNSIKMPEEEDEAPVLDVRYAS
AS
;
B
3 'polypeptide(L)' PKSFLV C
#
# COMPACT_ATOMS: atom_id res chain seq x y z
N SER A 192 -0.31 -17.51 27.71
CA SER A 192 0.96 -18.19 27.32
C SER A 192 1.22 -19.45 28.17
N GLY A 193 2.48 -19.63 28.58
CA GLY A 193 2.91 -20.83 29.29
C GLY A 193 3.39 -21.89 28.31
N VAL A 194 2.76 -23.07 28.37
CA VAL A 194 3.05 -24.16 27.43
C VAL A 194 2.70 -23.76 26.00
N GLU A 195 1.55 -23.11 25.83
CA GLU A 195 1.06 -22.71 24.51
C GLU A 195 1.86 -21.54 23.94
N GLY A 196 2.36 -20.67 24.82
CA GLY A 196 3.11 -19.48 24.42
C GLY A 196 4.48 -19.82 23.87
N ALA A 197 5.06 -20.90 24.37
CA ALA A 197 6.34 -21.43 23.89
C ALA A 197 6.24 -21.90 22.44
N ALA A 198 5.12 -22.56 22.10
CA ALA A 198 4.87 -23.00 20.74
C ALA A 198 4.80 -21.81 19.78
N PHE A 199 4.09 -20.76 20.21
CA PHE A 199 4.02 -19.52 19.44
C PHE A 199 5.42 -18.90 19.27
N GLN A 200 6.18 -18.85 20.37
CA GLN A 200 7.52 -18.30 20.36
C GLN A 200 8.46 -19.10 19.44
N SER A 201 8.17 -20.39 19.29
CA SER A 201 8.94 -21.25 18.41
C SER A 201 8.34 -21.32 16.99
N ARG A 202 7.41 -20.41 16.69
CA ARG A 202 6.75 -20.33 15.39
C ARG A 202 5.92 -21.57 15.03
N LEU A 203 5.36 -22.22 16.04
CA LEU A 203 4.60 -23.47 15.85
C LEU A 203 3.17 -23.39 16.40
N PRO A 204 2.18 -23.93 15.65
CA PRO A 204 0.81 -24.00 16.15
C PRO A 204 0.71 -24.93 17.36
N HIS A 205 0.25 -24.39 18.49
CA HIS A 205 0.25 -25.11 19.77
C HIS A 205 -0.66 -26.32 19.83
N ASP A 206 -1.66 -26.33 18.97
CA ASP A 206 -2.71 -27.36 19.02
C ASP A 206 -2.82 -28.18 17.73
N ARG A 207 -1.73 -28.21 16.96
CA ARG A 207 -1.71 -28.94 15.70
C ARG A 207 -0.29 -29.35 15.34
N MET A 208 -0.14 -30.56 14.79
CA MET A 208 1.16 -31.05 14.34
C MET A 208 1.50 -30.46 12.98
N THR A 209 2.76 -30.05 12.81
CA THR A 209 3.24 -29.48 11.55
C THR A 209 3.52 -30.57 10.53
N SER A 210 3.77 -30.16 9.29
CA SER A 210 4.11 -31.10 8.21
C SER A 210 5.43 -31.82 8.48
N GLN A 211 6.39 -31.09 9.05
CA GLN A 211 7.67 -31.66 9.44
C GLN A 211 7.50 -32.70 10.55
N GLU A 212 6.63 -32.39 11.50
CA GLU A 212 6.29 -33.32 12.58
C GLU A 212 5.54 -34.54 12.06
N ALA A 213 4.67 -34.33 11.08
CA ALA A 213 3.98 -35.43 10.41
C ALA A 213 4.98 -36.37 9.76
N ALA A 214 6.08 -35.82 9.27
CA ALA A 214 7.12 -36.60 8.61
C ALA A 214 7.89 -37.49 9.59
N CYS A 215 8.30 -36.92 10.72
CA CYS A 215 9.11 -37.62 11.71
C CYS A 215 8.29 -38.53 12.64
N PHE A 216 7.02 -38.21 12.82
CA PHE A 216 6.16 -38.97 13.72
C PHE A 216 4.90 -39.42 12.99
N PRO A 217 5.06 -40.13 11.85
CA PRO A 217 3.88 -40.49 11.05
C PRO A 217 2.95 -41.44 11.79
N ASP A 218 3.51 -42.21 12.72
CA ASP A 218 2.76 -43.13 13.57
C ASP A 218 1.77 -42.38 14.45
N ILE A 219 2.18 -41.24 14.99
CA ILE A 219 1.35 -40.46 15.90
C ILE A 219 0.22 -39.73 15.18
N ILE A 220 0.57 -38.94 14.17
CA ILE A 220 -0.37 -38.11 13.44
C ILE A 220 -1.45 -38.91 12.71
N SER A 221 -1.10 -40.12 12.26
CA SER A 221 -2.08 -41.00 11.63
C SER A 221 -2.91 -41.71 12.69
N GLY A 222 -2.37 -41.79 13.90
CA GLY A 222 -3.01 -42.50 15.00
C GLY A 222 -4.14 -41.75 15.68
N PRO A 223 -4.54 -42.20 16.88
CA PRO A 223 -5.65 -41.61 17.64
C PRO A 223 -5.36 -40.20 18.18
N GLN A 224 -6.42 -39.39 18.30
CA GLN A 224 -6.36 -38.00 18.73
C GLN A 224 -5.71 -37.78 20.09
N GLN A 225 -5.92 -38.75 20.98
CA GLN A 225 -5.37 -38.68 22.34
C GLN A 225 -3.85 -38.62 22.32
N THR A 226 -3.24 -39.52 21.54
CA THR A 226 -1.78 -39.60 21.40
C THR A 226 -1.23 -38.26 20.91
N GLN A 227 -1.89 -37.68 19.91
CA GLN A 227 -1.48 -36.41 19.31
C GLN A 227 -1.38 -35.28 20.32
N LYS A 228 -2.37 -35.17 21.20
CA LYS A 228 -2.41 -34.13 22.22
C LYS A 228 -1.31 -34.33 23.27
N VAL A 229 -0.98 -35.59 23.53
CA VAL A 229 0.15 -35.92 24.40
C VAL A 229 1.45 -35.50 23.72
N PHE A 230 1.58 -35.87 22.45
CA PHE A 230 2.74 -35.47 21.64
C PHE A 230 2.91 -33.96 21.69
N LEU A 231 1.83 -33.26 21.35
CA LEU A 231 1.83 -31.79 21.30
C LEU A 231 2.22 -31.17 22.62
N PHE A 232 1.71 -31.72 23.73
CA PHE A 232 2.08 -31.22 25.05
C PHE A 232 3.58 -31.41 25.31
N ILE A 233 4.08 -32.62 25.10
CA ILE A 233 5.49 -32.92 25.33
C ILE A 233 6.35 -31.95 24.55
N ARG A 234 6.02 -31.78 23.26
CA ARG A 234 6.69 -30.83 22.38
C ARG A 234 6.67 -29.43 22.98
N ASN A 235 5.46 -28.92 23.24
CA ASN A 235 5.27 -27.56 23.76
C ASN A 235 6.00 -27.34 25.10
N ARG A 236 5.92 -28.32 25.98
CA ARG A 236 6.54 -28.23 27.30
C ARG A 236 8.08 -28.19 27.21
N THR A 237 8.64 -29.07 26.37
CA THR A 237 10.09 -29.12 26.15
C THR A 237 10.60 -27.77 25.65
N LEU A 238 9.86 -27.18 24.71
CA LEU A 238 10.16 -25.87 24.18
C LEU A 238 10.16 -24.82 25.29
N GLN A 239 9.10 -24.83 26.10
CA GLN A 239 8.96 -23.92 27.24
C GLN A 239 10.18 -23.99 28.14
N LEU A 240 10.56 -25.22 28.50
CA LEU A 240 11.72 -25.46 29.35
C LEU A 240 12.99 -24.83 28.77
N TRP A 241 13.25 -25.10 27.50
CA TRP A 241 14.41 -24.54 26.80
C TRP A 241 14.37 -23.04 26.77
N LEU A 242 13.20 -22.49 26.47
CA LEU A 242 13.04 -21.05 26.33
C LEU A 242 13.23 -20.30 27.65
N ASP A 243 12.69 -20.87 28.73
CA ASP A 243 12.78 -20.27 30.05
C ASP A 243 14.21 -20.19 30.57
N ASN A 244 15.07 -21.06 30.04
CA ASN A 244 16.49 -21.02 30.35
C ASN A 244 17.33 -21.37 29.11
N PRO A 245 17.57 -20.38 28.24
CA PRO A 245 18.23 -20.65 26.98
C PRO A 245 19.76 -20.55 27.05
N LYS A 246 20.30 -20.31 28.24
CA LYS A 246 21.76 -20.20 28.39
C LYS A 246 22.44 -21.52 28.76
N ILE A 247 21.65 -22.57 29.00
CA ILE A 247 22.19 -23.91 29.25
C ILE A 247 21.49 -24.97 28.39
N GLN A 248 22.23 -26.01 28.00
CA GLN A 248 21.71 -27.11 27.20
C GLN A 248 20.59 -27.84 27.95
N LEU A 249 19.52 -28.17 27.22
CA LEU A 249 18.44 -28.97 27.79
C LEU A 249 18.53 -30.41 27.28
N THR A 250 18.96 -31.30 28.17
CA THR A 250 19.15 -32.71 27.85
C THR A 250 17.84 -33.49 27.95
N PHE A 251 17.85 -34.72 27.44
CA PHE A 251 16.70 -35.61 27.53
C PHE A 251 16.32 -35.87 28.98
N GLU A 252 17.34 -36.07 29.82
CA GLU A 252 17.15 -36.35 31.24
C GLU A 252 16.43 -35.20 31.93
N ALA A 253 16.96 -33.99 31.76
CA ALA A 253 16.36 -32.77 32.35
C ALA A 253 14.92 -32.58 31.91
N THR A 254 14.62 -32.99 30.68
CA THR A 254 13.28 -32.87 30.10
C THR A 254 12.31 -33.86 30.76
N LEU A 255 12.74 -35.12 30.85
CA LEU A 255 11.93 -36.17 31.47
C LEU A 255 11.71 -35.90 32.96
N GLN A 256 12.74 -35.34 33.60
CA GLN A 256 12.70 -34.93 35.00
C GLN A 256 11.49 -34.05 35.32
N GLN A 257 11.21 -33.08 34.45
CA GLN A 257 10.17 -32.08 34.71
C GLN A 257 8.84 -32.35 34.01
N LEU A 258 8.52 -33.62 33.79
CA LEU A 258 7.23 -33.99 33.19
C LEU A 258 6.32 -34.71 34.18
N GLU A 259 5.01 -34.59 33.94
CA GLU A 259 3.99 -35.24 34.76
C GLU A 259 3.41 -36.48 34.07
N ALA A 260 2.53 -37.19 34.76
CA ALA A 260 1.79 -38.29 34.14
C ALA A 260 0.55 -37.74 33.43
N PRO A 261 0.14 -38.36 32.31
CA PRO A 261 0.77 -39.51 31.65
C PRO A 261 1.83 -39.13 30.61
N TYR A 262 2.42 -37.94 30.76
CA TYR A 262 3.37 -37.40 29.79
C TYR A 262 4.78 -37.97 29.96
N ASN A 263 5.11 -38.39 31.19
CA ASN A 263 6.42 -39.01 31.46
C ASN A 263 6.37 -40.54 31.49
N SER A 264 5.19 -41.10 31.25
CA SER A 264 5.00 -42.55 31.25
C SER A 264 5.68 -43.21 30.06
N ASP A 265 5.54 -42.60 28.88
CA ASP A 265 6.18 -43.10 27.67
C ASP A 265 7.51 -42.39 27.43
N THR A 266 8.60 -43.07 27.76
CA THR A 266 9.94 -42.47 27.67
C THR A 266 10.49 -42.45 26.24
N VAL A 267 10.11 -43.42 25.41
CA VAL A 267 10.53 -43.42 24.00
C VAL A 267 9.89 -42.28 23.20
N LEU A 268 8.65 -41.93 23.54
CA LEU A 268 7.98 -40.81 22.90
C LEU A 268 8.67 -39.50 23.27
N VAL A 269 8.96 -39.31 24.55
CA VAL A 269 9.68 -38.14 25.05
C VAL A 269 11.05 -38.01 24.38
N HIS A 270 11.74 -39.15 24.25
CA HIS A 270 13.06 -39.16 23.64
C HIS A 270 13.04 -38.81 22.18
N ARG A 271 12.06 -39.37 21.46
CA ARG A 271 11.84 -39.04 20.05
C ARG A 271 11.55 -37.55 19.88
N VAL A 272 10.63 -37.02 20.69
CA VAL A 272 10.30 -35.60 20.69
C VAL A 272 11.54 -34.74 20.94
N HIS A 273 12.24 -35.00 22.04
CA HIS A 273 13.43 -34.23 22.40
C HIS A 273 14.45 -34.22 21.30
N SER A 274 14.73 -35.39 20.75
CA SER A 274 15.74 -35.55 19.70
C SER A 274 15.35 -34.80 18.43
N TYR A 275 14.07 -34.88 18.06
CA TYR A 275 13.53 -34.14 16.92
C TYR A 275 13.77 -32.64 17.06
N LEU A 276 13.42 -32.10 18.22
CA LEU A 276 13.55 -30.67 18.49
C LEU A 276 15.01 -30.25 18.51
N GLU A 277 15.86 -31.10 19.05
CA GLU A 277 17.29 -30.80 19.15
C GLU A 277 17.95 -30.80 17.79
N ARG A 278 17.51 -31.73 16.94
CA ARG A 278 18.04 -31.92 15.60
C ARG A 278 17.73 -30.70 14.72
N HIS A 279 16.50 -30.22 14.83
CA HIS A 279 16.05 -29.11 14.00
C HIS A 279 16.20 -27.76 14.63
N GLY A 280 17.08 -27.65 15.62
CA GLY A 280 17.47 -26.38 16.21
C GLY A 280 16.37 -25.57 16.89
N LEU A 281 15.33 -26.27 17.34
CA LEU A 281 14.25 -25.62 18.08
C LEU A 281 14.63 -25.49 19.55
N ILE A 282 15.44 -26.44 20.02
CA ILE A 282 16.05 -26.39 21.34
C ILE A 282 17.56 -26.57 21.21
N ASN A 283 18.30 -26.04 22.19
CA ASN A 283 19.77 -26.09 22.20
C ASN A 283 20.40 -25.55 20.91
N PHE A 284 20.07 -24.30 20.59
CA PHE A 284 20.70 -23.60 19.47
C PHE A 284 21.31 -22.28 19.93
N GLY A 285 22.30 -21.80 19.18
CA GLY A 285 22.97 -20.54 19.50
C GLY A 285 24.19 -20.75 20.38
N ILE A 286 24.25 -20.00 21.48
CA ILE A 286 25.38 -20.05 22.41
C ILE A 286 24.88 -20.42 23.80
N TYR A 287 25.20 -21.63 24.25
CA TYR A 287 24.71 -22.16 25.51
C TYR A 287 25.76 -23.01 26.21
N LYS A 288 25.63 -23.16 27.52
CA LYS A 288 26.53 -23.99 28.31
C LYS A 288 26.20 -25.45 28.07
N ARG A 289 27.21 -26.21 27.66
CA ARG A 289 27.06 -27.62 27.35
C ARG A 289 27.25 -28.48 28.61
N ILE A 290 26.26 -29.34 28.88
CA ILE A 290 26.34 -30.26 30.03
C ILE A 290 27.31 -31.42 29.74
N LYS A 291 27.02 -32.20 28.70
CA LYS A 291 27.90 -33.31 28.30
C LYS A 291 28.93 -32.80 27.28
N PRO A 292 30.20 -32.60 27.72
CA PRO A 292 31.23 -32.06 26.83
C PRO A 292 31.29 -32.75 25.46
N LEU A 293 31.59 -31.97 24.42
CA LEU A 293 31.55 -32.41 23.02
C LEU A 293 32.16 -33.80 22.79
N PRO A 294 31.45 -34.66 22.01
CA PRO A 294 31.85 -36.02 21.68
C PRO A 294 33.35 -36.18 21.39
N THR A 295 33.93 -37.26 21.88
CA THR A 295 35.36 -37.55 21.77
C THR A 295 35.90 -37.43 20.33
N LYS A 296 35.23 -38.10 19.38
CA LYS A 296 35.66 -38.10 17.98
C LYS A 296 34.52 -37.75 17.04
N LYS A 297 34.86 -37.07 15.95
CA LYS A 297 33.91 -36.52 15.00
C LYS A 297 33.46 -37.54 13.94
N THR A 298 32.34 -37.25 13.29
CA THR A 298 31.80 -38.10 12.23
C THR A 298 31.39 -37.23 11.04
N GLY A 299 31.99 -37.48 9.89
CA GLY A 299 31.67 -36.72 8.67
C GLY A 299 32.36 -35.37 8.61
N LYS A 300 32.69 -34.94 7.39
CA LYS A 300 33.37 -33.66 7.18
C LYS A 300 32.53 -32.75 6.27
N VAL A 301 32.22 -31.55 6.77
CA VAL A 301 31.39 -30.58 6.04
C VAL A 301 32.11 -29.24 5.86
N ILE A 302 32.20 -28.80 4.60
CA ILE A 302 32.68 -27.46 4.29
C ILE A 302 31.48 -26.52 4.16
N ILE A 303 31.53 -25.41 4.88
CA ILE A 303 30.53 -24.35 4.79
C ILE A 303 31.13 -23.12 4.14
N ILE A 304 30.55 -22.72 3.01
CA ILE A 304 30.98 -21.53 2.31
C ILE A 304 30.31 -20.29 2.89
N GLY A 305 31.12 -19.42 3.49
CA GLY A 305 30.66 -18.17 4.07
C GLY A 305 30.34 -18.28 5.54
N SER A 306 30.87 -17.35 6.32
CA SER A 306 30.57 -17.27 7.76
C SER A 306 29.64 -16.10 8.08
N GLY A 307 28.61 -15.92 7.25
CA GLY A 307 27.49 -15.07 7.58
C GLY A 307 26.69 -15.73 8.70
N VAL A 308 25.62 -15.09 9.15
CA VAL A 308 24.82 -15.64 10.24
C VAL A 308 24.30 -17.03 9.90
N SER A 309 23.78 -17.21 8.68
CA SER A 309 23.30 -18.52 8.23
C SER A 309 24.40 -19.58 8.34
N GLY A 310 25.58 -19.26 7.81
CA GLY A 310 26.75 -20.14 7.89
C GLY A 310 27.10 -20.49 9.32
N LEU A 311 27.35 -19.47 10.14
CA LEU A 311 27.74 -19.65 11.54
C LEU A 311 26.71 -20.46 12.31
N ALA A 312 25.43 -20.15 12.10
CA ALA A 312 24.36 -20.85 12.81
C ALA A 312 24.42 -22.34 12.54
N ALA A 313 24.49 -22.71 11.26
CA ALA A 313 24.56 -24.11 10.86
C ALA A 313 25.84 -24.79 11.33
N ALA A 314 26.96 -24.05 11.27
CA ALA A 314 28.25 -24.54 11.74
C ALA A 314 28.19 -24.98 13.20
N ARG A 315 27.71 -24.10 14.07
CA ARG A 315 27.55 -24.41 15.48
C ARG A 315 26.72 -25.66 15.66
N GLN A 316 25.64 -25.78 14.89
CA GLN A 316 24.72 -26.90 15.00
C GLN A 316 25.40 -28.21 14.69
N LEU A 317 26.06 -28.27 13.53
CA LEU A 317 26.73 -29.48 13.06
C LEU A 317 27.84 -29.91 14.03
N GLN A 318 28.63 -28.95 14.47
CA GLN A 318 29.65 -29.20 15.50
C GLN A 318 29.01 -29.72 16.79
N SER A 319 27.84 -29.21 17.14
CA SER A 319 27.08 -29.73 18.29
C SER A 319 26.67 -31.17 18.05
N PHE A 320 26.42 -31.52 16.80
CA PHE A 320 26.02 -32.88 16.43
C PHE A 320 27.22 -33.79 16.23
N GLY A 321 28.41 -33.26 16.48
CA GLY A 321 29.66 -34.02 16.37
C GLY A 321 30.07 -34.29 14.93
N MET A 322 30.24 -33.21 14.16
CA MET A 322 30.74 -33.33 12.80
C MET A 322 31.95 -32.42 12.64
N ASP A 323 32.83 -32.76 11.70
CA ASP A 323 33.97 -31.93 11.39
C ASP A 323 33.51 -30.79 10.49
N VAL A 324 33.60 -29.57 11.01
CA VAL A 324 33.07 -28.40 10.33
C VAL A 324 34.14 -27.33 10.13
N THR A 325 34.33 -26.92 8.89
CA THR A 325 35.21 -25.79 8.57
C THR A 325 34.53 -24.81 7.63
N LEU A 326 34.44 -23.55 8.07
CA LEU A 326 33.85 -22.47 7.30
C LEU A 326 34.92 -21.72 6.51
N LEU A 327 34.57 -21.33 5.28
CA LEU A 327 35.47 -20.59 4.41
C LEU A 327 34.92 -19.20 4.12
N GLU A 328 35.61 -18.19 4.64
CA GLU A 328 35.16 -16.82 4.53
C GLU A 328 36.13 -15.99 3.69
N ALA A 329 35.61 -15.33 2.66
CA ALA A 329 36.42 -14.48 1.79
C ALA A 329 36.88 -13.20 2.51
N ARG A 330 36.02 -12.69 3.37
CA ARG A 330 36.31 -11.47 4.15
C ARG A 330 37.32 -11.75 5.25
N ASP A 331 37.86 -10.67 5.81
CA ASP A 331 38.77 -10.74 6.97
C ASP A 331 37.99 -10.67 8.28
N ARG A 332 36.68 -10.89 8.20
CA ARG A 332 35.79 -10.85 9.36
C ARG A 332 34.58 -11.77 9.18
N VAL A 333 33.97 -12.15 10.29
CA VAL A 333 32.71 -12.89 10.28
C VAL A 333 31.51 -11.95 10.10
N GLY A 334 30.32 -12.51 9.95
CA GLY A 334 29.08 -11.72 9.96
C GLY A 334 28.51 -11.40 8.59
N GLY A 335 29.40 -11.18 7.63
CA GLY A 335 29.00 -10.87 6.26
C GLY A 335 28.16 -9.62 6.18
N ARG A 336 26.89 -9.80 5.82
CA ARG A 336 25.96 -8.67 5.69
C ARG A 336 25.53 -8.08 7.04
N VAL A 337 26.05 -8.65 8.12
CA VAL A 337 25.99 -8.02 9.44
C VAL A 337 27.36 -7.40 9.69
N ALA A 338 27.44 -6.10 9.48
CA ALA A 338 28.69 -5.36 9.62
C ALA A 338 28.46 -4.19 10.57
N THR A 339 29.43 -3.96 11.46
CA THR A 339 29.35 -2.88 12.43
C THR A 339 30.61 -2.03 12.43
N PHE A 340 30.44 -0.74 12.18
CA PHE A 340 31.54 0.22 12.24
C PHE A 340 31.88 0.52 13.70
N ARG A 341 33.17 0.46 14.01
CA ARG A 341 33.68 0.79 15.34
C ARG A 341 34.94 1.63 15.26
N LYS A 342 34.92 2.76 15.95
CA LYS A 342 36.06 3.66 16.05
C LYS A 342 35.86 4.48 17.32
N GLY A 343 36.74 4.28 18.30
CA GLY A 343 36.61 4.93 19.59
C GLY A 343 35.37 4.46 20.32
N ASN A 344 34.44 5.39 20.53
CA ASN A 344 33.16 5.09 21.16
C ASN A 344 32.02 5.06 20.14
N TYR A 345 32.34 5.42 18.90
CA TYR A 345 31.38 5.37 17.81
C TYR A 345 31.07 3.93 17.42
N VAL A 346 29.78 3.60 17.39
CA VAL A 346 29.30 2.28 17.01
C VAL A 346 28.10 2.47 16.09
N ALA A 347 28.21 1.99 14.85
CA ALA A 347 27.13 2.11 13.87
C ALA A 347 27.10 0.94 12.88
N ASP A 348 25.94 0.31 12.74
CA ASP A 348 25.76 -0.81 11.83
C ASP A 348 25.60 -0.39 10.38
N LEU A 349 26.54 -0.82 9.55
CA LEU A 349 26.45 -0.58 8.11
C LEU A 349 25.60 -1.66 7.43
N GLY A 350 25.39 -2.77 8.14
CA GLY A 350 24.59 -3.87 7.64
C GLY A 350 23.28 -3.94 8.40
N ALA A 351 22.95 -5.13 8.89
CA ALA A 351 21.73 -5.34 9.67
C ALA A 351 21.70 -4.46 10.90
N MET A 352 20.51 -3.96 11.26
CA MET A 352 20.38 -2.95 12.30
C MET A 352 19.21 -3.22 13.23
N VAL A 353 18.09 -3.63 12.65
CA VAL A 353 16.83 -3.74 13.37
C VAL A 353 16.45 -5.19 13.68
N VAL A 354 16.05 -5.43 14.93
CA VAL A 354 15.41 -6.69 15.30
C VAL A 354 13.91 -6.45 15.20
N THR A 355 13.27 -7.07 14.20
CA THR A 355 11.89 -6.77 13.88
C THR A 355 10.89 -7.45 14.83
N GLY A 356 10.94 -7.07 16.11
CA GLY A 356 10.01 -7.57 17.13
C GLY A 356 10.38 -8.94 17.66
N LEU A 357 10.20 -9.16 18.97
CA LEU A 357 10.64 -10.39 19.62
C LEU A 357 9.61 -11.53 19.61
N GLY A 358 8.37 -11.22 19.23
CA GLY A 358 7.27 -12.17 19.29
C GLY A 358 7.37 -13.29 18.27
N GLY A 359 8.07 -14.36 18.64
CA GLY A 359 8.29 -15.50 17.75
C GLY A 359 9.64 -15.41 17.05
N ASN A 360 10.42 -14.41 17.42
CA ASN A 360 11.74 -14.21 16.85
C ASN A 360 12.77 -15.12 17.53
N PRO A 361 13.47 -15.96 16.74
CA PRO A 361 14.56 -16.75 17.29
C PRO A 361 15.67 -15.85 17.85
N MET A 362 15.72 -14.60 17.38
CA MET A 362 16.69 -13.64 17.88
C MET A 362 16.40 -13.23 19.32
N ALA A 363 15.17 -13.48 19.77
CA ALA A 363 14.79 -13.27 21.18
C ALA A 363 15.61 -14.18 22.09
N VAL A 364 15.80 -15.42 21.65
CA VAL A 364 16.64 -16.40 22.34
C VAL A 364 18.10 -15.98 22.31
N VAL A 365 18.57 -15.58 21.13
CA VAL A 365 19.96 -15.17 20.93
C VAL A 365 20.29 -13.96 21.80
N SER A 366 19.34 -13.04 21.92
CA SER A 366 19.54 -11.80 22.68
C SER A 366 19.68 -12.05 24.17
N LYS A 367 19.14 -13.17 24.64
CA LYS A 367 19.34 -13.61 26.02
C LYS A 367 20.70 -14.26 26.20
N GLN A 368 21.22 -14.86 25.13
CA GLN A 368 22.49 -15.58 25.17
C GLN A 368 23.69 -14.66 24.95
N VAL A 369 23.47 -13.57 24.21
CA VAL A 369 24.52 -12.61 23.92
C VAL A 369 24.17 -11.27 24.56
N ASN A 370 25.17 -10.55 25.02
CA ASN A 370 24.97 -9.21 25.56
C ASN A 370 24.59 -8.21 24.45
N MET A 371 23.32 -8.28 24.04
CA MET A 371 22.77 -7.34 23.08
C MET A 371 22.04 -6.25 23.84
N GLU A 372 22.39 -5.00 23.55
CA GLU A 372 21.70 -3.87 24.14
C GLU A 372 20.57 -3.48 23.20
N LEU A 373 19.38 -4.02 23.49
CA LEU A 373 18.22 -3.81 22.61
C LEU A 373 17.38 -2.61 23.04
N ALA A 374 17.38 -1.57 22.21
CA ALA A 374 16.59 -0.36 22.46
C ALA A 374 15.47 -0.21 21.43
N LYS A 375 14.26 0.07 21.91
CA LYS A 375 13.08 0.23 21.05
C LYS A 375 13.18 1.47 20.17
N ILE A 376 12.49 1.42 19.03
CA ILE A 376 12.46 2.54 18.08
C ILE A 376 11.15 3.30 18.28
N LYS A 377 11.25 4.62 18.42
CA LYS A 377 10.06 5.46 18.58
C LYS A 377 9.45 5.75 17.21
N GLN A 378 8.17 5.38 17.08
CA GLN A 378 7.44 5.41 15.81
C GLN A 378 7.55 6.72 15.02
N LYS A 379 7.37 7.84 15.73
CA LYS A 379 7.22 9.17 15.11
C LYS A 379 8.41 9.55 14.23
N CYS A 380 8.09 10.04 13.03
CA CYS A 380 9.11 10.47 12.06
C CYS A 380 8.70 11.75 11.34
N PRO A 381 9.11 12.91 11.89
CA PRO A 381 8.81 14.21 11.27
C PRO A 381 9.48 14.38 9.91
N LEU A 382 8.74 14.88 8.94
CA LEU A 382 9.24 15.08 7.58
C LEU A 382 9.66 16.52 7.35
N TYR A 383 10.54 16.73 6.37
CA TYR A 383 11.07 18.05 6.05
C TYR A 383 11.25 18.17 4.54
N GLU A 384 10.60 19.16 3.94
CA GLU A 384 10.69 19.37 2.50
C GLU A 384 12.06 19.91 2.09
N ALA A 385 12.29 20.02 0.78
CA ALA A 385 13.60 20.40 0.23
C ALA A 385 14.17 21.70 0.84
N ASN A 386 13.27 22.63 1.18
CA ASN A 386 13.67 23.91 1.78
C ASN A 386 14.19 23.79 3.21
N GLY A 387 13.72 22.77 3.92
CA GLY A 387 14.08 22.55 5.31
C GLY A 387 12.94 22.82 6.27
N GLN A 388 11.77 23.11 5.70
CA GLN A 388 10.56 23.35 6.49
C GLN A 388 9.81 22.06 6.77
N ALA A 389 9.44 21.87 8.03
CA ALA A 389 8.69 20.68 8.45
C ALA A 389 7.30 20.62 7.81
N VAL A 390 6.91 19.44 7.38
CA VAL A 390 5.56 19.21 6.86
C VAL A 390 4.58 19.27 8.02
N PRO A 391 3.56 20.14 7.92
CA PRO A 391 2.53 20.30 8.96
C PRO A 391 1.68 19.04 9.13
N LYS A 392 1.24 18.77 10.37
CA LYS A 392 0.43 17.59 10.70
C LYS A 392 -0.83 17.45 9.85
N GLU A 393 -1.29 18.56 9.29
CA GLU A 393 -2.38 18.58 8.32
C GLU A 393 -2.05 17.70 7.12
N LYS A 394 -1.07 18.14 6.34
CA LYS A 394 -0.60 17.43 5.15
C LYS A 394 -0.03 16.05 5.51
N ASP A 395 0.87 16.03 6.48
CA ASP A 395 1.54 14.81 6.92
C ASP A 395 0.57 13.64 7.04
N GLU A 396 -0.44 13.78 7.88
CA GLU A 396 -1.41 12.72 8.13
C GLU A 396 -2.25 12.37 6.91
N MET A 397 -2.53 13.37 6.08
CA MET A 397 -3.34 13.18 4.88
C MET A 397 -2.60 12.32 3.86
N VAL A 398 -1.35 12.69 3.56
CA VAL A 398 -0.54 12.02 2.55
C VAL A 398 -0.28 10.57 2.96
N GLU A 399 0.15 10.37 4.21
CA GLU A 399 0.41 9.05 4.74
C GLU A 399 -0.82 8.15 4.63
N GLN A 400 -1.97 8.68 5.04
CA GLN A 400 -3.22 7.94 4.94
C GLN A 400 -3.50 7.56 3.49
N GLU A 401 -3.30 8.50 2.59
CA GLU A 401 -3.48 8.26 1.15
C GLU A 401 -2.53 7.18 0.65
N PHE A 402 -1.28 7.23 1.12
CA PHE A 402 -0.27 6.22 0.80
C PHE A 402 -0.74 4.81 1.14
N ASN A 403 -1.14 4.60 2.39
CA ASN A 403 -1.67 3.32 2.86
C ASN A 403 -2.88 2.85 2.08
N ARG A 404 -3.70 3.81 1.68
CA ARG A 404 -4.91 3.54 0.91
C ARG A 404 -4.58 3.15 -0.53
N LEU A 405 -3.51 3.72 -1.05
CA LEU A 405 -3.00 3.36 -2.38
C LEU A 405 -2.45 1.94 -2.40
N LEU A 406 -1.80 1.52 -1.31
CA LEU A 406 -1.31 0.15 -1.18
C LEU A 406 -2.47 -0.85 -1.18
N GLU A 407 -3.44 -0.64 -0.28
CA GLU A 407 -4.65 -1.47 -0.24
C GLU A 407 -5.29 -1.60 -1.62
N ALA A 408 -5.25 -0.51 -2.38
CA ALA A 408 -5.80 -0.44 -3.73
C ALA A 408 -5.08 -1.38 -4.69
N THR A 409 -3.75 -1.44 -4.57
CA THR A 409 -2.94 -2.33 -5.41
C THR A 409 -3.19 -3.78 -5.06
N SER A 410 -3.41 -4.04 -3.77
CA SER A 410 -3.78 -5.36 -3.29
C SER A 410 -5.13 -5.78 -3.88
N TYR A 411 -6.07 -4.84 -3.90
CA TYR A 411 -7.38 -5.05 -4.52
C TYR A 411 -7.24 -5.32 -6.01
N LEU A 412 -6.39 -4.55 -6.68
CA LEU A 412 -6.10 -4.77 -8.10
C LEU A 412 -5.60 -6.19 -8.37
N SER A 413 -4.71 -6.65 -7.50
CA SER A 413 -4.06 -7.95 -7.66
C SER A 413 -5.01 -9.11 -7.43
N HIS A 414 -5.66 -9.13 -6.27
CA HIS A 414 -6.44 -10.28 -5.85
C HIS A 414 -7.85 -10.30 -6.38
N GLN A 415 -8.54 -9.17 -6.25
CA GLN A 415 -9.96 -9.09 -6.61
C GLN A 415 -10.18 -8.88 -8.11
N LEU A 416 -9.38 -7.99 -8.71
CA LEU A 416 -9.50 -7.69 -10.13
C LEU A 416 -8.57 -8.55 -11.01
N ASP A 417 -7.63 -9.24 -10.36
CA ASP A 417 -6.65 -10.10 -11.03
C ASP A 417 -5.85 -9.38 -12.13
N PHE A 418 -5.37 -8.18 -11.80
CA PHE A 418 -4.55 -7.38 -12.70
C PHE A 418 -3.07 -7.72 -12.47
N ASN A 419 -2.61 -8.80 -13.09
CA ASN A 419 -1.28 -9.34 -12.81
C ASN A 419 -0.39 -9.54 -14.04
N VAL A 420 -1.00 -9.66 -15.22
CA VAL A 420 -0.25 -9.73 -16.47
C VAL A 420 -0.70 -8.61 -17.40
N LEU A 421 0.26 -7.85 -17.92
CA LEU A 421 -0.01 -6.79 -18.88
C LEU A 421 1.02 -6.84 -20.01
N ASN A 422 0.53 -7.20 -21.21
CA ASN A 422 1.38 -7.39 -22.39
C ASN A 422 2.43 -8.48 -22.18
N ASN A 423 1.97 -9.65 -21.74
CA ASN A 423 2.82 -10.82 -21.46
C ASN A 423 3.73 -10.69 -20.23
N LYS A 424 4.03 -9.47 -19.84
CA LYS A 424 4.92 -9.22 -18.70
C LYS A 424 4.14 -9.21 -17.37
N PRO A 425 4.77 -9.69 -16.29
CA PRO A 425 4.16 -9.59 -14.95
C PRO A 425 4.10 -8.14 -14.46
N VAL A 426 2.95 -7.76 -13.91
CA VAL A 426 2.72 -6.41 -13.41
C VAL A 426 3.51 -6.20 -12.11
N SER A 427 4.23 -5.08 -12.04
CA SER A 427 4.95 -4.72 -10.83
C SER A 427 4.08 -3.93 -9.87
N LEU A 428 4.59 -3.68 -8.66
CA LEU A 428 3.92 -2.81 -7.70
C LEU A 428 3.93 -1.37 -8.21
N GLY A 429 5.06 -0.95 -8.77
CA GLY A 429 5.22 0.38 -9.38
C GLY A 429 4.14 0.70 -10.41
N GLN A 430 3.98 -0.21 -11.38
CA GLN A 430 2.91 -0.11 -12.38
C GLN A 430 1.55 0.02 -11.73
N ALA A 431 1.29 -0.86 -10.75
CA ALA A 431 0.01 -0.94 -10.07
C ALA A 431 -0.34 0.37 -9.37
N LEU A 432 0.67 0.99 -8.76
CA LEU A 432 0.48 2.26 -8.07
C LEU A 432 0.19 3.41 -9.04
N GLU A 433 0.94 3.46 -10.15
CA GLU A 433 0.68 4.43 -11.21
C GLU A 433 -0.74 4.30 -11.72
N VAL A 434 -1.12 3.09 -12.09
CA VAL A 434 -2.47 2.79 -12.56
C VAL A 434 -3.52 3.31 -11.56
N VAL A 435 -3.35 2.95 -10.29
CA VAL A 435 -4.27 3.40 -9.24
C VAL A 435 -4.34 4.93 -9.14
N ILE A 436 -3.18 5.58 -9.10
CA ILE A 436 -3.11 7.06 -9.04
C ILE A 436 -3.81 7.69 -10.24
N GLN A 437 -3.52 7.18 -11.44
CA GLN A 437 -4.15 7.66 -12.65
C GLN A 437 -5.67 7.55 -12.57
N LEU A 438 -6.16 6.39 -12.18
CA LEU A 438 -7.60 6.18 -11.98
C LEU A 438 -8.18 7.12 -10.92
N GLN A 439 -7.37 7.52 -9.96
CA GLN A 439 -7.81 8.47 -8.93
C GLN A 439 -7.82 9.90 -9.45
N GLU A 440 -6.92 10.21 -10.38
CA GLU A 440 -6.93 11.49 -11.07
C GLU A 440 -8.09 11.54 -12.07
N LYS A 441 -8.35 10.40 -12.72
CA LYS A 441 -9.48 10.26 -13.63
C LYS A 441 -10.80 10.51 -12.91
N HIS A 442 -10.90 10.01 -11.69
CA HIS A 442 -12.10 10.22 -10.88
C HIS A 442 -12.28 11.65 -10.49
N VAL A 443 -11.20 12.31 -10.06
CA VAL A 443 -11.23 13.73 -9.71
C VAL A 443 -11.80 14.57 -10.86
N LYS A 444 -11.38 14.24 -12.09
CA LYS A 444 -11.86 14.91 -13.29
C LYS A 444 -13.30 14.53 -13.61
N ASP A 445 -13.61 13.23 -13.57
CA ASP A 445 -14.98 12.75 -13.78
C ASP A 445 -15.98 13.45 -12.86
N GLU A 446 -15.57 13.67 -11.61
CA GLU A 446 -16.40 14.38 -10.64
C GLU A 446 -16.70 15.80 -11.07
N GLN A 447 -15.65 16.53 -11.45
CA GLN A 447 -15.78 17.90 -11.92
C GLN A 447 -16.68 17.99 -13.15
N ILE A 448 -16.43 17.12 -14.12
CA ILE A 448 -17.16 17.11 -15.38
C ILE A 448 -18.67 17.00 -15.16
N GLU A 449 -19.11 16.02 -14.39
CA GLU A 449 -20.55 15.82 -14.16
C GLU A 449 -21.13 16.79 -13.12
N HIS A 450 -20.26 17.61 -12.51
CA HIS A 450 -20.71 18.69 -11.62
C HIS A 450 -21.01 19.94 -12.39
N TRP A 451 -20.12 20.31 -13.30
CA TRP A 451 -20.36 21.45 -14.20
C TRP A 451 -21.45 21.12 -15.19
N LYS A 452 -21.53 19.86 -15.60
CA LYS A 452 -22.59 19.36 -16.47
C LYS A 452 -23.94 19.41 -15.76
N LYS A 453 -23.90 19.33 -14.43
CA LYS A 453 -25.08 19.49 -13.59
C LYS A 453 -25.51 20.95 -13.55
N ILE A 454 -24.54 21.85 -13.62
CA ILE A 454 -24.84 23.29 -13.67
C ILE A 454 -25.51 23.68 -15.00
N VAL A 455 -24.92 23.28 -16.13
CA VAL A 455 -25.46 23.64 -17.45
C VAL A 455 -26.89 23.13 -17.67
N LYS A 456 -27.28 22.06 -16.99
CA LYS A 456 -28.66 21.59 -17.06
C LYS A 456 -29.59 22.57 -16.35
N THR A 457 -29.15 23.07 -15.19
CA THR A 457 -29.91 24.06 -14.42
C THR A 457 -29.80 25.45 -15.06
N GLN A 458 -28.60 25.80 -15.51
CA GLN A 458 -28.36 27.07 -16.18
C GLN A 458 -29.18 27.19 -17.47
N GLU A 459 -29.27 26.09 -18.23
CA GLU A 459 -30.02 26.06 -19.47
C GLU A 459 -31.53 25.95 -19.23
N GLU A 460 -31.90 25.40 -18.07
CA GLU A 460 -33.29 25.34 -17.65
C GLU A 460 -33.78 26.74 -17.29
N LEU A 461 -32.88 27.54 -16.72
CA LEU A 461 -33.15 28.94 -16.38
C LEU A 461 -33.29 29.78 -17.66
N LYS A 462 -32.44 29.50 -18.64
CA LYS A 462 -32.48 30.17 -19.94
C LYS A 462 -33.86 30.07 -20.57
N GLU A 463 -34.45 28.89 -20.52
CA GLU A 463 -35.78 28.65 -21.11
C GLU A 463 -36.89 29.37 -20.35
N LEU A 464 -36.74 29.46 -19.03
CA LEU A 464 -37.70 30.16 -18.20
C LEU A 464 -37.64 31.67 -18.41
N LEU A 465 -36.43 32.21 -18.50
CA LEU A 465 -36.24 33.64 -18.74
C LEU A 465 -36.85 34.09 -20.08
N ASN A 466 -36.77 33.21 -21.08
CA ASN A 466 -37.43 33.46 -22.37
C ASN A 466 -38.94 33.51 -22.25
N LYS A 467 -39.51 32.51 -21.57
CA LYS A 467 -40.95 32.48 -21.32
C LYS A 467 -41.37 33.74 -20.55
N MET A 468 -40.56 34.15 -19.59
CA MET A 468 -40.82 35.34 -18.78
C MET A 468 -40.76 36.64 -19.58
N VAL A 469 -39.73 36.77 -20.41
CA VAL A 469 -39.58 37.94 -21.28
C VAL A 469 -40.72 38.06 -22.29
N ASN A 470 -41.09 36.93 -22.91
CA ASN A 470 -42.19 36.88 -23.87
C ASN A 470 -43.55 37.15 -23.24
N LEU A 471 -43.66 36.89 -21.94
CA LEU A 471 -44.90 37.16 -21.21
C LEU A 471 -44.97 38.64 -20.85
N LYS A 472 -43.85 39.20 -20.39
CA LYS A 472 -43.75 40.63 -20.10
C LYS A 472 -44.02 41.46 -21.37
N GLU A 473 -43.73 40.88 -22.52
CA GLU A 473 -44.03 41.51 -23.80
C GLU A 473 -45.53 41.55 -24.06
N LYS A 474 -46.21 40.45 -23.76
CA LYS A 474 -47.65 40.36 -23.92
C LYS A 474 -48.40 41.18 -22.87
N ILE A 475 -47.87 41.20 -21.64
CA ILE A 475 -48.42 42.02 -20.56
C ILE A 475 -48.30 43.51 -20.88
N LYS A 476 -47.17 43.88 -21.48
CA LYS A 476 -46.91 45.24 -21.94
C LYS A 476 -47.98 45.69 -22.93
N GLU A 477 -48.27 44.81 -23.88
CA GLU A 477 -49.24 45.06 -24.94
C GLU A 477 -50.68 45.04 -24.42
N LEU A 478 -50.96 44.09 -23.51
CA LEU A 478 -52.31 43.94 -22.94
C LEU A 478 -52.70 45.10 -22.04
N HIS A 479 -51.75 45.66 -21.32
CA HIS A 479 -51.99 46.82 -20.46
C HIS A 479 -52.39 48.00 -21.28
N GLN A 480 -51.70 48.19 -22.39
CA GLN A 480 -52.02 49.25 -23.35
C GLN A 480 -53.46 49.10 -23.86
N GLN A 481 -53.81 47.88 -24.25
CA GLN A 481 -55.15 47.58 -24.76
C GLN A 481 -56.23 47.86 -23.72
N TYR A 482 -55.99 47.46 -22.48
CA TYR A 482 -56.91 47.70 -21.38
C TYR A 482 -57.01 49.19 -21.07
N LYS A 483 -55.86 49.87 -21.08
CA LYS A 483 -55.82 51.32 -20.91
C LYS A 483 -56.72 51.98 -21.95
N GLU A 484 -56.45 51.72 -23.23
CA GLU A 484 -57.25 52.25 -24.34
C GLU A 484 -58.74 51.96 -24.19
N ALA A 485 -59.08 50.77 -23.71
CA ALA A 485 -60.47 50.37 -23.50
C ALA A 485 -61.13 51.15 -22.37
N SER A 486 -60.34 51.58 -21.39
CA SER A 486 -60.83 52.34 -20.25
C SER A 486 -60.91 53.84 -20.51
N GLU A 487 -60.26 54.29 -21.58
CA GLU A 487 -60.30 55.70 -21.99
C GLU A 487 -61.66 56.04 -22.62
N VAL A 488 -62.33 55.03 -23.17
CA VAL A 488 -63.71 55.16 -23.66
C VAL A 488 -64.64 55.43 -22.48
N LYS A 489 -64.77 56.71 -22.12
CA LYS A 489 -65.54 57.12 -20.95
C LYS A 489 -67.01 56.76 -21.06
N PRO A 490 -67.63 56.33 -19.94
CA PRO A 490 -69.05 55.97 -19.89
C PRO A 490 -69.95 57.15 -20.23
N PRO A 491 -71.22 56.88 -20.62
CA PRO A 491 -71.82 55.55 -20.68
C PRO A 491 -71.41 54.80 -21.94
N ARG A 492 -71.26 53.49 -21.82
CA ARG A 492 -70.88 52.64 -22.95
C ARG A 492 -71.79 51.43 -23.07
N ASP A 493 -71.99 50.94 -24.29
CA ASP A 493 -72.81 49.75 -24.50
C ASP A 493 -72.13 48.54 -23.89
N ILE A 494 -72.81 47.39 -23.90
CA ILE A 494 -72.32 46.22 -23.19
C ILE A 494 -71.04 45.60 -23.76
N THR A 495 -70.86 45.66 -25.08
CA THR A 495 -69.65 45.12 -25.70
C THR A 495 -68.42 45.93 -25.32
N ALA A 496 -68.60 47.25 -25.25
CA ALA A 496 -67.54 48.16 -24.83
C ALA A 496 -67.21 47.99 -23.35
N GLU A 497 -68.22 47.63 -22.57
CA GLU A 497 -68.04 47.32 -21.15
C GLU A 497 -67.31 45.99 -21.02
N PHE A 498 -67.74 45.01 -21.82
CA PHE A 498 -67.16 43.67 -21.85
C PHE A 498 -65.68 43.71 -22.21
N LEU A 499 -65.30 44.61 -23.12
CA LEU A 499 -63.91 44.75 -23.53
C LEU A 499 -63.03 45.12 -22.34
N VAL A 500 -63.47 46.09 -21.54
CA VAL A 500 -62.73 46.51 -20.36
C VAL A 500 -62.59 45.34 -19.38
N LYS A 501 -63.69 44.65 -19.12
CA LYS A 501 -63.70 43.51 -18.21
C LYS A 501 -62.85 42.35 -18.73
N SER A 502 -63.04 42.02 -20.01
CA SER A 502 -62.28 40.97 -20.66
C SER A 502 -60.78 41.20 -20.54
N LYS A 503 -60.33 42.39 -20.95
CA LYS A 503 -58.91 42.74 -20.88
C LYS A 503 -58.41 42.79 -19.44
N HIS A 504 -59.31 43.04 -18.49
CA HIS A 504 -58.95 43.02 -17.07
C HIS A 504 -58.71 41.62 -16.60
N ARG A 505 -59.58 40.71 -17.00
CA ARG A 505 -59.44 39.29 -16.67
C ARG A 505 -58.18 38.72 -17.32
N ASP A 506 -58.03 38.99 -18.62
CA ASP A 506 -56.92 38.48 -19.41
C ASP A 506 -55.57 38.97 -18.90
N LEU A 507 -55.55 40.13 -18.27
CA LEU A 507 -54.31 40.70 -17.76
C LEU A 507 -53.90 40.06 -16.43
N THR A 508 -54.84 40.00 -15.49
CA THR A 508 -54.57 39.42 -14.17
C THR A 508 -54.20 37.93 -14.26
N ALA A 509 -54.80 37.23 -15.22
CA ALA A 509 -54.45 35.84 -15.52
C ALA A 509 -53.01 35.71 -16.02
N LEU A 510 -52.58 36.64 -16.87
CA LEU A 510 -51.21 36.66 -17.38
C LEU A 510 -50.23 37.23 -16.35
N CYS A 511 -50.73 38.01 -15.41
CA CYS A 511 -49.92 38.50 -14.31
C CYS A 511 -49.78 37.43 -13.24
N LYS A 512 -50.76 36.53 -13.18
CA LYS A 512 -50.70 35.35 -12.32
C LYS A 512 -49.54 34.46 -12.74
N GLU A 513 -49.52 34.11 -14.03
CA GLU A 513 -48.47 33.28 -14.61
C GLU A 513 -47.07 33.81 -14.32
N TYR A 514 -46.83 35.08 -14.65
CA TYR A 514 -45.51 35.71 -14.50
C TYR A 514 -44.99 35.61 -13.06
N ASP A 515 -45.89 35.72 -12.09
CA ASP A 515 -45.52 35.62 -10.69
C ASP A 515 -45.18 34.19 -10.26
N GLU A 516 -45.88 33.23 -10.86
CA GLU A 516 -45.59 31.81 -10.64
C GLU A 516 -44.29 31.40 -11.35
N LEU A 517 -43.89 32.18 -12.34
CA LEU A 517 -42.62 31.99 -13.04
C LEU A 517 -41.48 32.70 -12.34
N ALA A 518 -41.79 33.79 -11.64
CA ALA A 518 -40.80 34.48 -10.81
C ALA A 518 -40.54 33.66 -9.55
N GLU A 519 -41.54 32.86 -9.18
CA GLU A 519 -41.42 31.86 -8.11
C GLU A 519 -40.37 30.82 -8.49
N THR A 520 -40.55 30.21 -9.66
CA THR A 520 -39.62 29.23 -10.20
C THR A 520 -38.21 29.81 -10.35
N GLN A 521 -38.12 31.01 -10.93
CA GLN A 521 -36.82 31.68 -11.13
C GLN A 521 -36.04 31.80 -9.82
N GLY A 522 -36.71 32.19 -8.75
CA GLY A 522 -36.10 32.36 -7.43
C GLY A 522 -35.47 31.10 -6.88
N LYS A 523 -36.15 29.97 -7.10
CA LYS A 523 -35.68 28.66 -6.63
C LYS A 523 -34.47 28.17 -7.42
N LEU A 524 -34.55 28.25 -8.74
CA LEU A 524 -33.45 27.84 -9.63
C LEU A 524 -32.23 28.74 -9.50
N GLU A 525 -32.48 30.01 -9.18
CA GLU A 525 -31.41 31.00 -9.07
C GLU A 525 -30.49 30.72 -7.89
N GLU A 526 -31.06 30.25 -6.79
CA GLU A 526 -30.30 29.91 -5.59
C GLU A 526 -29.79 28.48 -5.63
N LYS A 527 -30.46 27.63 -6.42
CA LYS A 527 -30.00 26.27 -6.67
C LYS A 527 -28.67 26.28 -7.44
N LEU A 528 -28.44 27.35 -8.21
CA LEU A 528 -27.17 27.55 -8.91
C LEU A 528 -26.11 28.11 -7.97
N GLN A 529 -26.54 28.86 -6.96
CA GLN A 529 -25.64 29.34 -5.92
C GLN A 529 -25.27 28.21 -4.96
N GLU A 530 -26.15 27.21 -4.87
CA GLU A 530 -25.92 25.99 -4.11
C GLU A 530 -24.75 25.20 -4.71
N LEU A 531 -24.89 24.86 -6.00
CA LEU A 531 -23.93 24.00 -6.69
C LEU A 531 -22.57 24.68 -6.89
N GLU A 532 -22.59 25.99 -7.12
CA GLU A 532 -21.34 26.72 -7.35
C GLU A 532 -20.63 27.10 -6.04
N ALA A 533 -21.31 26.90 -4.91
CA ALA A 533 -20.73 27.17 -3.59
C ALA A 533 -19.77 26.07 -3.16
N ASN A 534 -20.16 24.82 -3.38
CA ASN A 534 -19.34 23.67 -3.00
C ASN A 534 -18.96 22.78 -4.20
N PRO A 535 -17.82 23.09 -4.85
CA PRO A 535 -17.34 22.26 -5.95
C PRO A 535 -16.63 21.01 -5.43
N PRO A 536 -16.56 19.94 -6.24
CA PRO A 536 -15.75 18.78 -5.88
C PRO A 536 -14.25 19.10 -5.91
N SER A 537 -13.43 18.15 -5.47
CA SER A 537 -11.97 18.32 -5.40
C SER A 537 -11.39 18.97 -6.64
N ASP A 538 -10.52 19.95 -6.43
CA ASP A 538 -9.82 20.64 -7.51
C ASP A 538 -8.83 19.69 -8.20
N VAL A 539 -7.96 19.06 -7.40
CA VAL A 539 -6.93 18.14 -7.86
C VAL A 539 -6.92 16.89 -6.97
N TYR A 540 -6.30 15.80 -7.45
CA TYR A 540 -6.10 14.62 -6.62
C TYR A 540 -4.94 14.83 -5.64
N LEU A 541 -3.81 15.30 -6.16
CA LEU A 541 -2.65 15.66 -5.35
C LEU A 541 -1.87 16.79 -6.02
N SER A 542 -1.42 17.76 -5.20
CA SER A 542 -0.59 18.85 -5.71
C SER A 542 0.85 18.38 -5.88
N SER A 543 1.69 19.24 -6.47
CA SER A 543 3.12 18.97 -6.60
C SER A 543 3.76 18.77 -5.24
N ARG A 544 3.39 19.63 -4.29
CA ARG A 544 3.86 19.52 -2.91
C ARG A 544 3.42 18.18 -2.30
N ASP A 545 2.16 17.81 -2.54
CA ASP A 545 1.60 16.55 -2.07
C ASP A 545 2.34 15.35 -2.65
N ARG A 546 2.41 15.29 -3.97
CA ARG A 546 3.03 14.18 -4.71
C ARG A 546 4.48 13.93 -4.32
N GLN A 547 5.17 14.99 -3.89
CA GLN A 547 6.56 14.89 -3.39
C GLN A 547 6.64 14.15 -2.05
N ILE A 548 5.73 14.48 -1.15
CA ILE A 548 5.67 13.84 0.17
C ILE A 548 5.22 12.39 0.02
N LEU A 549 4.35 12.13 -0.96
CA LEU A 549 3.94 10.76 -1.30
C LEU A 549 5.12 9.95 -1.82
N ASP A 550 5.99 10.61 -2.60
CA ASP A 550 7.20 9.97 -3.10
C ASP A 550 8.12 9.52 -1.98
N TRP A 551 8.13 10.27 -0.89
CA TRP A 551 8.90 9.90 0.30
C TRP A 551 8.37 8.62 0.88
N HIS A 552 7.05 8.49 0.92
CA HIS A 552 6.41 7.28 1.42
C HIS A 552 6.66 6.10 0.54
N PHE A 553 6.78 6.35 -0.76
CA PHE A 553 7.23 5.32 -1.70
C PHE A 553 8.68 4.96 -1.48
N ALA A 554 9.51 5.99 -1.25
CA ALA A 554 10.92 5.79 -0.97
C ALA A 554 11.14 4.93 0.28
N ASN A 555 10.33 5.18 1.31
CA ASN A 555 10.37 4.38 2.52
C ASN A 555 10.13 2.91 2.21
N LEU A 556 9.17 2.65 1.33
CA LEU A 556 8.88 1.30 0.85
C LEU A 556 10.03 0.75 0.00
N GLU A 557 10.67 1.62 -0.77
CA GLU A 557 11.80 1.22 -1.62
C GLU A 557 13.02 0.88 -0.77
N PHE A 558 13.09 1.50 0.41
CA PHE A 558 14.11 1.15 1.39
C PHE A 558 13.80 -0.21 2.00
N ALA A 559 12.54 -0.40 2.39
CA ALA A 559 12.11 -1.60 3.08
C ALA A 559 12.34 -2.86 2.24
N ASN A 560 12.10 -2.74 0.94
CA ASN A 560 12.28 -3.86 0.03
C ASN A 560 13.62 -3.83 -0.68
N ALA A 561 14.40 -2.79 -0.37
CA ALA A 561 15.71 -2.55 -0.99
C ALA A 561 15.67 -2.65 -2.52
N THR A 562 14.72 -1.94 -3.13
CA THR A 562 14.54 -1.99 -4.58
C THR A 562 13.46 -1.02 -5.06
N PRO A 563 13.66 -0.41 -6.24
CA PRO A 563 12.60 0.36 -6.92
C PRO A 563 11.32 -0.46 -7.08
N LEU A 564 10.19 0.15 -6.75
CA LEU A 564 8.89 -0.53 -6.73
C LEU A 564 8.47 -1.08 -8.10
N SER A 565 9.19 -0.67 -9.15
CA SER A 565 8.91 -1.13 -10.50
C SER A 565 9.45 -2.54 -10.73
N THR A 566 10.16 -3.07 -9.75
CA THR A 566 10.78 -4.40 -9.83
C THR A 566 10.05 -5.44 -8.98
N LEU A 567 9.47 -5.01 -7.86
CA LEU A 567 8.70 -5.88 -6.97
C LEU A 567 7.51 -6.55 -7.64
N SER A 568 7.26 -7.81 -7.31
CA SER A 568 6.10 -8.53 -7.82
C SER A 568 4.85 -8.00 -7.15
N LEU A 569 3.87 -7.57 -7.95
CA LEU A 569 2.62 -7.07 -7.38
C LEU A 569 1.97 -8.14 -6.51
N LYS A 570 1.77 -9.33 -7.08
CA LYS A 570 1.09 -10.40 -6.38
C LYS A 570 1.81 -10.89 -5.12
N HIS A 571 3.14 -10.90 -5.14
CA HIS A 571 3.91 -11.60 -4.11
C HIS A 571 4.85 -10.77 -3.27
N TRP A 572 5.03 -9.50 -3.62
CA TRP A 572 6.00 -8.65 -2.92
C TRP A 572 5.88 -8.70 -1.42
N ASP A 573 4.69 -9.04 -0.93
CA ASP A 573 4.41 -9.03 0.49
C ASP A 573 4.02 -10.42 1.02
N GLN A 574 4.36 -11.47 0.28
CA GLN A 574 3.96 -12.84 0.62
C GLN A 574 4.39 -13.31 2.03
N ASP A 575 5.49 -12.78 2.53
CA ASP A 575 5.99 -13.16 3.85
C ASP A 575 5.30 -12.42 4.99
N ASP A 576 4.16 -11.80 4.69
CA ASP A 576 3.48 -10.91 5.63
C ASP A 576 2.91 -11.63 6.85
N ASP A 577 2.28 -12.78 6.62
CA ASP A 577 1.60 -13.52 7.68
C ASP A 577 2.52 -13.98 8.80
N PHE A 578 3.82 -14.06 8.51
CA PHE A 578 4.78 -14.64 9.43
C PHE A 578 5.60 -13.58 10.15
N GLU A 579 5.17 -12.33 10.00
CA GLU A 579 5.79 -11.18 10.65
C GLU A 579 5.68 -11.29 12.16
N PHE A 580 6.72 -10.88 12.88
CA PHE A 580 6.75 -11.00 14.34
C PHE A 580 5.91 -9.93 15.03
N THR A 581 5.49 -10.25 16.25
CA THR A 581 4.81 -9.26 17.11
C THR A 581 5.84 -8.55 18.00
N GLY A 582 5.42 -7.46 18.62
CA GLY A 582 6.32 -6.65 19.45
C GLY A 582 6.93 -5.51 18.66
N SER A 583 7.41 -4.51 19.37
CA SER A 583 7.99 -3.33 18.72
C SER A 583 9.41 -3.59 18.28
N HIS A 584 9.76 -3.08 17.10
CA HIS A 584 11.09 -3.23 16.52
C HIS A 584 12.14 -2.60 17.39
N LEU A 585 13.29 -3.25 17.49
CA LEU A 585 14.40 -2.78 18.33
C LEU A 585 15.68 -2.62 17.51
N THR A 586 16.68 -1.95 18.11
CA THR A 586 17.99 -1.83 17.49
C THR A 586 19.08 -2.32 18.44
N VAL A 587 20.13 -2.89 17.87
CA VAL A 587 21.28 -3.33 18.65
C VAL A 587 22.14 -2.10 18.92
N ARG A 588 22.13 -1.65 20.17
CA ARG A 588 22.75 -0.38 20.55
C ARG A 588 24.26 -0.49 20.63
N ASN A 589 24.75 -1.69 20.94
CA ASN A 589 26.19 -1.95 21.04
C ASN A 589 26.78 -2.55 19.76
N GLY A 590 25.99 -2.56 18.68
CA GLY A 590 26.43 -3.06 17.39
C GLY A 590 26.04 -4.51 17.15
N TYR A 591 25.46 -4.79 16.00
CA TYR A 591 24.94 -6.12 15.68
C TYR A 591 26.06 -7.17 15.58
N SER A 592 27.27 -6.73 15.19
CA SER A 592 28.41 -7.63 15.01
C SER A 592 28.65 -8.51 16.23
N CYS A 593 28.29 -7.99 17.40
CA CYS A 593 28.39 -8.73 18.65
C CYS A 593 27.80 -10.16 18.55
N VAL A 594 26.85 -10.34 17.62
CA VAL A 594 26.15 -11.62 17.47
C VAL A 594 26.90 -12.65 16.62
N PRO A 595 27.30 -12.28 15.39
CA PRO A 595 28.14 -13.19 14.61
C PRO A 595 29.43 -13.55 15.33
N VAL A 596 30.10 -12.56 15.90
CA VAL A 596 31.34 -12.78 16.64
C VAL A 596 31.13 -13.81 17.75
N ALA A 597 30.05 -13.65 18.51
CA ALA A 597 29.72 -14.58 19.57
C ALA A 597 29.41 -15.99 19.04
N LEU A 598 28.79 -16.06 17.86
CA LEU A 598 28.48 -17.35 17.24
C LEU A 598 29.75 -18.01 16.71
N ALA A 599 30.70 -17.19 16.29
CA ALA A 599 31.95 -17.65 15.68
C ALA A 599 32.92 -18.26 16.69
N GLU A 600 32.62 -18.12 17.98
CA GLU A 600 33.49 -18.65 19.03
C GLU A 600 33.51 -20.17 19.02
N GLY A 601 34.72 -20.73 19.00
CA GLY A 601 34.93 -22.17 19.02
C GLY A 601 34.71 -22.86 17.69
N LEU A 602 34.86 -22.11 16.60
CA LEU A 602 34.63 -22.65 15.25
C LEU A 602 35.84 -22.48 14.36
N ASP A 603 36.09 -23.48 13.52
CA ASP A 603 37.21 -23.44 12.59
C ASP A 603 36.85 -22.57 11.37
N ILE A 604 37.29 -21.32 11.39
CA ILE A 604 36.95 -20.38 10.33
C ILE A 604 38.19 -19.92 9.56
N LYS A 605 38.25 -20.26 8.29
CA LYS A 605 39.34 -19.80 7.44
C LYS A 605 38.99 -18.45 6.82
N LEU A 606 39.50 -17.37 7.40
CA LEU A 606 39.26 -16.02 6.88
C LEU A 606 40.19 -15.74 5.71
N ASN A 607 39.82 -14.76 4.88
CA ASN A 607 40.58 -14.41 3.67
C ASN A 607 40.72 -15.57 2.68
N THR A 608 39.68 -16.38 2.61
CA THR A 608 39.67 -17.58 1.77
C THR A 608 38.48 -17.55 0.81
N ALA A 609 38.73 -17.13 -0.43
CA ALA A 609 37.67 -16.97 -1.42
C ALA A 609 37.45 -18.24 -2.23
N VAL A 610 36.28 -18.87 -2.04
CA VAL A 610 35.92 -20.07 -2.79
C VAL A 610 35.79 -19.74 -4.28
N ARG A 611 36.52 -20.48 -5.10
CA ARG A 611 36.54 -20.25 -6.55
C ARG A 611 35.75 -21.29 -7.32
N GLN A 612 35.73 -22.51 -6.81
CA GLN A 612 35.08 -23.61 -7.49
C GLN A 612 34.55 -24.64 -6.49
N VAL A 613 33.34 -25.11 -6.76
CA VAL A 613 32.74 -26.18 -5.95
C VAL A 613 32.55 -27.42 -6.81
N ARG A 614 33.20 -28.51 -6.39
CA ARG A 614 33.14 -29.79 -7.07
C ARG A 614 32.43 -30.82 -6.20
N TYR A 615 31.40 -31.45 -6.76
CA TYR A 615 30.60 -32.43 -6.03
C TYR A 615 30.32 -33.66 -6.90
N THR A 616 30.61 -34.83 -6.33
CA THR A 616 30.45 -36.11 -7.03
C THR A 616 29.83 -37.13 -6.08
N ALA A 617 29.38 -38.25 -6.64
CA ALA A 617 28.73 -39.31 -5.87
C ALA A 617 29.50 -39.71 -4.61
N SER A 618 30.82 -39.69 -4.68
CA SER A 618 31.69 -40.14 -3.58
C SER A 618 32.11 -39.02 -2.63
N GLY A 619 31.91 -37.77 -3.03
CA GLY A 619 32.24 -36.63 -2.18
C GLY A 619 32.45 -35.32 -2.89
N CYS A 620 32.92 -34.32 -2.14
CA CYS A 620 33.10 -32.98 -2.65
C CYS A 620 34.50 -32.46 -2.44
N GLU A 621 34.96 -31.63 -3.37
CA GLU A 621 36.15 -30.82 -3.15
C GLU A 621 35.91 -29.35 -3.49
N VAL A 622 36.30 -28.48 -2.55
CA VAL A 622 36.11 -27.04 -2.67
C VAL A 622 37.46 -26.37 -2.90
N ILE A 623 37.55 -25.66 -4.01
CA ILE A 623 38.80 -24.98 -4.38
C ILE A 623 38.70 -23.50 -4.07
N ALA A 624 39.54 -23.05 -3.14
CA ALA A 624 39.55 -21.66 -2.71
C ALA A 624 40.96 -21.07 -2.82
N VAL A 625 41.03 -19.74 -2.87
CA VAL A 625 42.32 -19.04 -2.90
C VAL A 625 42.42 -18.05 -1.75
N ASN A 626 43.65 -17.62 -1.45
CA ASN A 626 43.90 -16.57 -0.48
C ASN A 626 43.64 -15.21 -1.13
N THR A 627 42.79 -14.40 -0.50
CA THR A 627 42.36 -13.12 -1.06
C THR A 627 43.50 -12.12 -1.21
N ARG A 628 44.49 -12.23 -0.32
CA ARG A 628 45.64 -11.33 -0.31
C ARG A 628 46.61 -11.63 -1.46
N SER A 629 47.11 -12.86 -1.54
CA SER A 629 47.85 -13.33 -2.72
C SER A 629 47.01 -14.36 -3.47
N THR A 630 46.35 -13.91 -4.52
CA THR A 630 45.31 -14.69 -5.22
C THR A 630 45.85 -15.90 -5.99
N SER A 631 47.17 -16.08 -5.98
CA SER A 631 47.82 -17.22 -6.64
C SER A 631 48.10 -18.37 -5.67
N GLN A 632 47.77 -18.16 -4.40
CA GLN A 632 48.01 -19.13 -3.33
C GLN A 632 46.75 -19.98 -3.10
N THR A 633 46.81 -21.25 -3.51
CA THR A 633 45.63 -22.10 -3.67
C THR A 633 45.39 -23.16 -2.58
N PHE A 634 44.12 -23.40 -2.28
CA PHE A 634 43.69 -24.40 -1.29
C PHE A 634 42.69 -25.40 -1.86
N ILE A 635 42.81 -26.65 -1.41
CA ILE A 635 41.84 -27.69 -1.74
C ILE A 635 41.24 -28.23 -0.45
N TYR A 636 39.91 -28.36 -0.43
CA TYR A 636 39.18 -28.88 0.72
C TYR A 636 38.33 -30.07 0.32
N LYS A 637 38.51 -31.19 1.02
CA LYS A 637 37.75 -32.40 0.76
C LYS A 637 36.69 -32.57 1.85
N CYS A 638 35.46 -32.88 1.45
CA CYS A 638 34.36 -33.04 2.39
C CYS A 638 33.23 -33.91 1.84
N ASP A 639 32.47 -34.50 2.75
CA ASP A 639 31.29 -35.30 2.41
C ASP A 639 30.14 -34.45 1.85
N ALA A 640 30.02 -33.22 2.35
CA ALA A 640 28.97 -32.29 1.91
C ALA A 640 29.41 -30.84 1.97
N VAL A 641 28.93 -30.05 1.01
CA VAL A 641 29.17 -28.60 0.99
C VAL A 641 27.88 -27.83 1.29
N LEU A 642 27.93 -26.99 2.31
CA LEU A 642 26.84 -26.06 2.59
C LEU A 642 27.18 -24.70 2.00
N CYS A 643 26.34 -24.24 1.08
CA CYS A 643 26.59 -23.02 0.35
C CYS A 643 25.71 -21.88 0.87
N THR A 644 26.34 -20.91 1.55
CA THR A 644 25.60 -19.76 2.07
C THR A 644 25.97 -18.47 1.32
N LEU A 645 26.50 -18.63 0.12
CA LEU A 645 26.81 -17.49 -0.76
C LEU A 645 25.54 -16.67 -0.96
N PRO A 646 25.67 -15.33 -0.86
CA PRO A 646 24.59 -14.39 -1.14
C PRO A 646 24.01 -14.61 -2.53
N LEU A 647 22.74 -14.25 -2.72
CA LEU A 647 22.09 -14.43 -4.02
C LEU A 647 22.74 -13.56 -5.09
N GLY A 648 23.27 -12.41 -4.68
CA GLY A 648 23.98 -11.51 -5.59
C GLY A 648 25.23 -12.16 -6.17
N VAL A 649 25.94 -12.89 -5.30
CA VAL A 649 27.11 -13.68 -5.70
C VAL A 649 26.69 -14.78 -6.67
N LEU A 650 25.68 -15.56 -6.29
CA LEU A 650 25.17 -16.63 -7.13
C LEU A 650 24.68 -16.11 -8.48
N LYS A 651 24.44 -14.81 -8.57
CA LYS A 651 23.94 -14.18 -9.78
C LYS A 651 25.04 -13.75 -10.75
N GLN A 652 26.25 -13.55 -10.23
CA GLN A 652 27.37 -12.99 -11.01
C GLN A 652 27.52 -13.59 -12.40
N GLN A 653 27.75 -12.70 -13.37
CA GLN A 653 28.03 -13.12 -14.75
C GLN A 653 29.14 -12.23 -15.32
N PRO A 654 30.32 -12.84 -15.62
CA PRO A 654 30.65 -14.26 -15.49
C PRO A 654 30.72 -14.71 -14.03
N PRO A 655 30.44 -16.01 -13.77
CA PRO A 655 30.36 -16.52 -12.40
C PRO A 655 31.63 -16.28 -11.59
N ALA A 656 31.46 -15.88 -10.33
CA ALA A 656 32.59 -15.71 -9.42
C ALA A 656 32.95 -17.03 -8.78
N VAL A 657 31.95 -17.88 -8.59
CA VAL A 657 32.15 -19.25 -8.12
C VAL A 657 31.66 -20.18 -9.22
N GLN A 658 32.45 -21.21 -9.50
CA GLN A 658 32.11 -22.18 -10.53
C GLN A 658 31.62 -23.47 -9.88
N PHE A 659 30.54 -24.02 -10.41
CA PHE A 659 30.01 -25.29 -9.94
C PHE A 659 30.31 -26.40 -10.93
N VAL A 660 30.98 -27.44 -10.45
CA VAL A 660 31.31 -28.60 -11.27
C VAL A 660 30.74 -29.86 -10.62
N PRO A 661 29.71 -30.47 -11.24
CA PRO A 661 29.06 -30.05 -12.49
C PRO A 661 28.20 -28.79 -12.33
N PRO A 662 27.75 -28.18 -13.46
CA PRO A 662 26.97 -26.95 -13.37
C PRO A 662 25.65 -27.17 -12.64
N LEU A 663 25.25 -26.19 -11.85
CA LEU A 663 23.94 -26.23 -11.18
C LEU A 663 22.83 -26.47 -12.20
N PRO A 664 21.86 -27.34 -11.86
CA PRO A 664 20.82 -27.72 -12.79
C PRO A 664 19.96 -26.54 -13.22
N GLU A 665 19.43 -26.62 -14.44
CA GLU A 665 18.60 -25.57 -15.02
C GLU A 665 17.56 -24.98 -14.05
N TRP A 666 16.89 -25.84 -13.28
CA TRP A 666 15.86 -25.40 -12.35
C TRP A 666 16.37 -24.53 -11.24
N LYS A 667 17.64 -24.70 -10.89
CA LYS A 667 18.25 -23.89 -9.84
C LYS A 667 18.68 -22.54 -10.40
N THR A 668 19.32 -22.55 -11.58
CA THR A 668 19.87 -21.33 -12.17
C THR A 668 18.77 -20.37 -12.62
N SER A 669 17.64 -20.94 -13.06
CA SER A 669 16.46 -20.16 -13.40
C SER A 669 15.93 -19.42 -12.18
N ALA A 670 15.86 -20.14 -11.05
CA ALA A 670 15.41 -19.58 -9.78
C ALA A 670 16.31 -18.45 -9.32
N VAL A 671 17.60 -18.53 -9.68
CA VAL A 671 18.57 -17.50 -9.32
C VAL A 671 18.34 -16.24 -10.15
N GLN A 672 18.15 -16.39 -11.44
CA GLN A 672 17.89 -15.25 -12.31
C GLN A 672 16.52 -14.61 -12.08
N ARG A 673 15.51 -15.43 -11.80
CA ARG A 673 14.16 -14.93 -11.54
C ARG A 673 14.09 -14.08 -10.29
N MET A 674 14.68 -14.57 -9.20
CA MET A 674 14.66 -13.87 -7.93
C MET A 674 15.31 -12.49 -7.99
N GLY A 675 14.82 -11.58 -7.17
CA GLY A 675 15.38 -10.25 -7.11
C GLY A 675 16.37 -10.12 -5.98
N PHE A 676 17.53 -9.56 -6.28
CA PHE A 676 18.48 -9.20 -5.24
C PHE A 676 18.65 -7.69 -5.25
N GLY A 677 18.20 -7.07 -4.17
CA GLY A 677 18.12 -5.61 -4.10
C GLY A 677 19.37 -4.93 -3.59
N ASN A 678 19.22 -3.64 -3.30
CA ASN A 678 20.31 -2.78 -2.81
C ASN A 678 19.79 -1.67 -1.93
N LEU A 679 20.57 -1.34 -0.90
CA LEU A 679 20.24 -0.31 0.08
C LEU A 679 21.53 0.13 0.75
N ASN A 680 21.77 1.43 0.85
CA ASN A 680 23.02 1.94 1.44
C ASN A 680 22.88 2.85 2.66
N LYS A 681 23.93 2.89 3.47
CA LYS A 681 23.93 3.69 4.70
C LYS A 681 25.13 4.65 4.78
N VAL A 682 24.86 5.87 5.25
CA VAL A 682 25.90 6.89 5.44
C VAL A 682 26.04 7.21 6.93
N VAL A 683 27.21 6.91 7.47
CA VAL A 683 27.47 7.11 8.90
C VAL A 683 28.08 8.49 9.12
N LEU A 684 27.45 9.27 10.00
CA LEU A 684 27.90 10.62 10.31
C LEU A 684 28.16 10.76 11.81
N CYS A 685 29.43 10.94 12.16
CA CYS A 685 29.86 11.02 13.56
C CYS A 685 30.20 12.45 13.97
N PHE A 686 29.48 12.96 14.96
CA PHE A 686 29.69 14.32 15.46
C PHE A 686 30.17 14.30 16.90
N ASP A 687 30.46 15.49 17.43
CA ASP A 687 30.90 15.67 18.82
C ASP A 687 29.77 16.16 19.72
N ARG A 688 28.71 16.71 19.10
CA ARG A 688 27.58 17.27 19.84
C ARG A 688 26.24 16.95 19.17
N VAL A 689 25.26 16.56 19.98
CA VAL A 689 23.91 16.27 19.51
C VAL A 689 23.16 17.56 19.19
N PHE A 690 22.94 17.82 17.89
CA PHE A 690 22.21 19.03 17.46
C PHE A 690 20.78 18.74 16.99
N TRP A 691 20.32 17.52 17.23
CA TRP A 691 18.98 17.09 16.84
C TRP A 691 18.14 16.80 18.06
N ASP A 692 16.85 16.62 17.83
CA ASP A 692 15.92 16.26 18.89
C ASP A 692 16.26 14.88 19.45
N PRO A 693 16.71 14.83 20.72
CA PRO A 693 17.13 13.58 21.36
C PRO A 693 15.97 12.60 21.58
N SER A 694 14.75 13.08 21.61
CA SER A 694 13.58 12.21 21.77
C SER A 694 13.07 11.68 20.43
N VAL A 695 13.58 12.26 19.35
CA VAL A 695 13.27 11.80 17.99
C VAL A 695 14.32 10.79 17.53
N ASN A 696 13.86 9.57 17.21
CA ASN A 696 14.72 8.50 16.74
C ASN A 696 15.03 8.60 15.25
N LEU A 697 14.06 9.08 14.47
CA LEU A 697 14.22 9.19 13.03
C LEU A 697 13.39 10.30 12.41
N PHE A 698 14.00 11.04 11.49
CA PHE A 698 13.33 12.10 10.76
C PHE A 698 13.62 12.02 9.26
N GLY A 699 12.62 12.33 8.45
CA GLY A 699 12.74 12.21 7.00
C GLY A 699 13.12 13.49 6.30
N HIS A 700 13.59 13.34 5.06
CA HIS A 700 13.84 14.46 4.16
C HIS A 700 13.16 14.17 2.87
N VAL A 701 12.39 15.14 2.37
CA VAL A 701 11.65 14.96 1.12
C VAL A 701 12.47 15.50 -0.05
N GLY A 702 12.74 14.64 -1.03
CA GLY A 702 13.50 15.03 -2.21
C GLY A 702 12.67 15.85 -3.17
N SER A 703 13.35 16.52 -4.10
CA SER A 703 12.69 17.38 -5.08
C SER A 703 11.88 16.60 -6.11
N THR A 704 12.48 15.55 -6.66
CA THR A 704 11.87 14.81 -7.75
C THR A 704 11.57 13.37 -7.34
N THR A 705 10.65 12.74 -8.07
CA THR A 705 10.44 11.30 -7.99
C THR A 705 11.76 10.58 -8.21
N ALA A 706 12.49 11.02 -9.24
CA ALA A 706 13.78 10.44 -9.61
C ALA A 706 14.72 10.26 -8.44
N SER A 707 14.75 11.24 -7.53
CA SER A 707 15.67 11.20 -6.40
C SER A 707 14.96 11.16 -5.04
N ARG A 708 13.86 10.40 -4.98
CA ARG A 708 13.09 10.28 -3.75
C ARG A 708 13.81 9.50 -2.66
N GLY A 709 14.67 8.57 -3.07
CA GLY A 709 15.40 7.71 -2.14
C GLY A 709 16.67 8.30 -1.58
N GLU A 710 17.19 9.32 -2.27
CA GLU A 710 18.48 9.93 -1.94
C GLU A 710 18.48 10.64 -0.59
N LEU A 711 19.03 9.97 0.42
CA LEU A 711 19.20 10.54 1.76
C LEU A 711 17.86 10.93 2.40
N PHE A 712 16.86 10.10 2.18
CA PHE A 712 15.48 10.40 2.53
C PHE A 712 15.15 10.19 4.01
N LEU A 713 16.08 9.62 4.78
CA LEU A 713 15.80 9.25 6.17
C LEU A 713 17.06 9.25 7.04
N PHE A 714 16.91 9.71 8.28
CA PHE A 714 18.05 9.84 9.20
C PHE A 714 17.78 9.13 10.53
N TRP A 715 18.78 8.42 11.04
CA TRP A 715 18.64 7.66 12.29
C TRP A 715 19.46 8.20 13.43
N ASN A 716 18.80 8.45 14.54
CA ASN A 716 19.44 8.69 15.82
C ASN A 716 19.06 7.54 16.73
N LEU A 717 20.03 6.67 17.04
CA LEU A 717 19.76 5.46 17.80
C LEU A 717 20.77 5.18 18.90
N TYR A 718 22.01 5.60 18.66
CA TYR A 718 23.13 5.19 19.51
C TYR A 718 23.45 6.19 20.63
N LYS A 719 24.30 5.76 21.56
CA LYS A 719 24.73 6.59 22.69
C LYS A 719 25.50 7.82 22.22
N ALA A 720 26.53 7.59 21.41
CA ALA A 720 27.32 8.67 20.82
C ALA A 720 26.48 9.51 19.84
N PRO A 721 26.90 10.77 19.61
CA PRO A 721 26.24 11.60 18.60
C PRO A 721 26.52 11.13 17.17
N ILE A 722 25.74 10.13 16.73
CA ILE A 722 25.85 9.59 15.38
C ILE A 722 24.50 9.70 14.66
N LEU A 723 24.52 10.29 13.47
CA LEU A 723 23.36 10.27 12.59
C LEU A 723 23.60 9.38 11.39
N LEU A 724 22.57 8.63 11.01
CA LEU A 724 22.69 7.60 9.98
C LEU A 724 21.75 7.88 8.82
N ALA A 725 22.30 8.10 7.64
CA ALA A 725 21.51 8.48 6.46
C ALA A 725 21.33 7.34 5.46
N LEU A 726 20.08 7.12 5.05
CA LEU A 726 19.74 6.02 4.15
C LEU A 726 19.67 6.43 2.68
N VAL A 727 20.27 5.63 1.82
CA VAL A 727 20.12 5.81 0.38
C VAL A 727 19.35 4.62 -0.21
N ALA A 728 18.17 4.88 -0.76
CA ALA A 728 17.24 3.83 -1.13
C ALA A 728 16.75 3.94 -2.57
N GLY A 729 15.96 2.96 -3.00
CA GLY A 729 15.33 2.96 -4.31
C GLY A 729 16.32 3.08 -5.45
N GLU A 730 15.90 3.74 -6.53
CA GLU A 730 16.75 3.97 -7.70
C GLU A 730 18.02 4.73 -7.35
N ALA A 731 17.92 5.59 -6.34
CA ALA A 731 19.03 6.46 -5.92
C ALA A 731 20.23 5.68 -5.42
N ALA A 732 19.98 4.57 -4.73
CA ALA A 732 21.02 3.75 -4.10
C ALA A 732 22.12 3.31 -5.07
N GLY A 733 21.69 2.76 -6.21
CA GLY A 733 22.59 2.26 -7.23
C GLY A 733 23.47 3.33 -7.87
N ILE A 734 22.93 4.54 -7.99
CA ILE A 734 23.62 5.65 -8.64
C ILE A 734 24.58 6.37 -7.68
N MET A 735 24.20 6.45 -6.41
CA MET A 735 25.01 7.08 -5.37
C MET A 735 26.33 6.33 -5.11
N GLU A 736 26.41 5.10 -5.60
CA GLU A 736 27.61 4.27 -5.44
C GLU A 736 28.75 4.75 -6.33
N ASN A 737 28.40 5.41 -7.43
CA ASN A 737 29.39 5.99 -8.34
C ASN A 737 29.85 7.40 -7.94
N ILE A 738 29.37 7.88 -6.80
CA ILE A 738 29.71 9.20 -6.28
C ILE A 738 30.60 9.05 -5.06
N SER A 739 31.65 9.88 -4.96
CA SER A 739 32.62 9.79 -3.87
C SER A 739 32.06 10.25 -2.52
N ASP A 740 32.70 9.78 -1.45
CA ASP A 740 32.22 9.99 -0.08
C ASP A 740 32.03 11.47 0.26
N ASP A 741 33.00 12.28 -0.11
CA ASP A 741 32.99 13.72 0.18
C ASP A 741 31.71 14.40 -0.32
N VAL A 742 31.36 14.12 -1.58
CA VAL A 742 30.15 14.65 -2.19
C VAL A 742 28.90 14.17 -1.46
N ILE A 743 28.89 12.89 -1.10
CA ILE A 743 27.77 12.28 -0.37
C ILE A 743 27.64 12.90 1.02
N VAL A 744 28.77 13.08 1.69
CA VAL A 744 28.81 13.76 3.00
C VAL A 744 28.38 15.22 2.83
N GLY A 745 28.72 15.80 1.68
CA GLY A 745 28.32 17.16 1.33
C GLY A 745 26.81 17.31 1.33
N ARG A 746 26.15 16.55 0.46
CA ARG A 746 24.70 16.54 0.34
C ARG A 746 24.01 16.24 1.68
N CYS A 747 24.69 15.45 2.51
CA CYS A 747 24.20 15.12 3.85
C CYS A 747 24.15 16.33 4.76
N LEU A 748 25.25 17.07 4.79
CA LEU A 748 25.34 18.27 5.62
C LEU A 748 24.39 19.34 5.10
N ALA A 749 24.44 19.57 3.78
CA ALA A 749 23.52 20.49 3.10
C ALA A 749 22.09 20.33 3.61
N ILE A 750 21.59 19.10 3.56
CA ILE A 750 20.25 18.78 4.05
C ILE A 750 20.10 19.07 5.55
N LEU A 751 21.04 18.56 6.35
CA LEU A 751 21.02 18.75 7.81
C LEU A 751 21.06 20.22 8.24
N LYS A 752 21.82 21.03 7.49
CA LYS A 752 21.86 22.48 7.68
C LYS A 752 20.46 23.06 7.51
N GLY A 753 19.81 22.69 6.41
CA GLY A 753 18.45 23.13 6.08
C GLY A 753 17.41 22.89 7.17
N ILE A 754 17.59 21.84 7.97
CA ILE A 754 16.62 21.48 8.99
C ILE A 754 16.95 22.09 10.36
N PHE A 755 18.23 22.14 10.71
CA PHE A 755 18.64 22.52 12.07
C PHE A 755 19.33 23.89 12.17
N GLY A 756 19.65 24.49 11.04
CA GLY A 756 20.32 25.79 11.01
C GLY A 756 21.68 25.70 10.34
N SER A 757 21.97 26.67 9.48
CA SER A 757 23.17 26.68 8.65
C SER A 757 24.47 26.77 9.46
N SER A 758 24.36 27.01 10.76
CA SER A 758 25.51 27.10 11.65
C SER A 758 25.53 25.98 12.70
N ALA A 759 24.33 25.49 13.05
CA ALA A 759 24.17 24.48 14.10
C ALA A 759 24.62 23.08 13.71
N VAL A 760 25.11 22.91 12.48
CA VAL A 760 25.63 21.63 11.99
C VAL A 760 27.15 21.70 11.79
N PRO A 761 27.91 21.11 12.74
CA PRO A 761 29.38 21.11 12.68
C PRO A 761 29.92 20.12 11.64
N GLN A 762 31.23 20.13 11.42
CA GLN A 762 31.87 19.17 10.53
C GLN A 762 31.93 17.79 11.19
N PRO A 763 31.59 16.73 10.41
CA PRO A 763 31.64 15.36 10.92
C PRO A 763 33.07 14.87 11.11
N LYS A 764 33.35 14.35 12.30
CA LYS A 764 34.69 13.85 12.63
C LYS A 764 35.02 12.56 11.87
N GLU A 765 34.07 11.63 11.87
CA GLU A 765 34.23 10.36 11.17
C GLU A 765 33.04 10.09 10.24
N THR A 766 33.33 9.68 9.01
CA THR A 766 32.29 9.35 8.03
C THR A 766 32.55 8.00 7.35
N VAL A 767 31.49 7.20 7.22
CA VAL A 767 31.54 5.93 6.49
C VAL A 767 30.38 5.83 5.50
N VAL A 768 30.65 5.27 4.33
CA VAL A 768 29.64 5.11 3.29
C VAL A 768 29.66 3.69 2.72
N SER A 769 28.55 2.97 2.89
CA SER A 769 28.41 1.60 2.38
C SER A 769 28.23 1.56 0.86
N ARG A 770 28.78 0.52 0.23
CA ARG A 770 28.55 0.25 -1.19
C ARG A 770 28.31 -1.24 -1.40
N TRP A 771 27.10 -1.67 -1.09
CA TRP A 771 26.76 -3.09 -1.07
C TRP A 771 26.65 -3.73 -2.42
N ARG A 772 26.19 -2.99 -3.42
CA ARG A 772 26.12 -3.53 -4.77
C ARG A 772 27.52 -3.70 -5.34
N ALA A 773 28.43 -2.81 -4.93
CA ALA A 773 29.81 -2.85 -5.39
C ALA A 773 30.61 -3.92 -4.67
N ASP A 774 30.30 -4.15 -3.39
CA ASP A 774 30.93 -5.18 -2.56
C ASP A 774 30.89 -6.53 -3.27
N PRO A 775 32.07 -7.10 -3.57
CA PRO A 775 32.17 -8.36 -4.30
C PRO A 775 31.65 -9.58 -3.54
N TRP A 776 31.59 -9.50 -2.22
CA TRP A 776 31.11 -10.60 -1.37
C TRP A 776 29.66 -10.45 -0.98
N ALA A 777 28.95 -9.58 -1.70
CA ALA A 777 27.54 -9.33 -1.45
C ALA A 777 26.80 -9.13 -2.77
N ARG A 778 27.31 -8.19 -3.58
CA ARG A 778 26.70 -7.84 -4.87
C ARG A 778 25.25 -7.31 -4.71
N GLY A 779 25.05 -6.57 -3.62
CA GLY A 779 23.73 -6.06 -3.25
C GLY A 779 23.45 -6.21 -1.75
N SER A 780 22.23 -5.90 -1.35
CA SER A 780 21.88 -5.83 0.07
C SER A 780 21.13 -7.05 0.60
N TYR A 781 19.97 -7.35 0.02
CA TYR A 781 19.22 -8.57 0.32
C TYR A 781 18.14 -8.79 -0.72
N SER A 782 17.52 -9.97 -0.70
CA SER A 782 16.58 -10.35 -1.75
C SER A 782 15.24 -9.63 -1.64
N TYR A 783 14.49 -9.68 -2.74
CA TYR A 783 13.12 -9.21 -2.81
C TYR A 783 12.38 -10.05 -3.83
N VAL A 784 11.05 -10.14 -3.69
CA VAL A 784 10.26 -10.92 -4.64
C VAL A 784 10.10 -10.08 -5.91
N ALA A 785 10.93 -10.36 -6.90
CA ALA A 785 10.88 -9.63 -8.17
C ALA A 785 9.66 -10.04 -8.97
N ALA A 786 9.19 -9.13 -9.82
CA ALA A 786 8.08 -9.42 -10.73
C ALA A 786 8.45 -10.60 -11.61
N GLY A 787 7.63 -11.65 -11.57
CA GLY A 787 7.91 -12.86 -12.32
C GLY A 787 8.48 -13.95 -11.43
N SER A 788 8.76 -13.61 -10.18
CA SER A 788 9.15 -14.59 -9.18
C SER A 788 7.98 -14.81 -8.21
N SER A 789 8.16 -15.73 -7.27
CA SER A 789 7.21 -15.96 -6.19
C SER A 789 7.95 -16.48 -4.96
N GLY A 790 7.21 -16.77 -3.90
CA GLY A 790 7.79 -17.34 -2.71
C GLY A 790 8.34 -18.73 -2.99
N ASN A 791 7.79 -19.37 -4.01
CA ASN A 791 8.19 -20.71 -4.39
C ASN A 791 9.66 -20.79 -4.81
N ASP A 792 10.17 -19.73 -5.44
CA ASP A 792 11.57 -19.68 -5.87
C ASP A 792 12.51 -19.80 -4.69
N TYR A 793 12.10 -19.27 -3.54
CA TYR A 793 12.86 -19.36 -2.30
C TYR A 793 12.98 -20.82 -1.83
N ASP A 794 11.95 -21.61 -2.07
CA ASP A 794 11.99 -23.05 -1.79
C ASP A 794 12.97 -23.76 -2.72
N LEU A 795 12.88 -23.42 -4.01
CA LEU A 795 13.82 -23.92 -5.01
C LEU A 795 15.27 -23.66 -4.61
N MET A 796 15.55 -22.46 -4.11
CA MET A 796 16.90 -22.12 -3.64
C MET A 796 17.36 -23.00 -2.49
N ALA A 797 16.42 -23.42 -1.64
CA ALA A 797 16.76 -24.26 -0.49
C ALA A 797 16.99 -25.74 -0.84
N GLN A 798 16.38 -26.19 -1.94
CA GLN A 798 16.48 -27.58 -2.37
C GLN A 798 17.92 -27.97 -2.66
N PRO A 799 18.41 -29.07 -2.04
CA PRO A 799 19.80 -29.52 -2.21
C PRO A 799 20.05 -30.22 -3.55
N ILE A 800 21.31 -30.24 -3.97
CA ILE A 800 21.70 -30.88 -5.25
C ILE A 800 22.31 -32.26 -5.04
N THR A 801 21.86 -33.22 -5.84
CA THR A 801 22.37 -34.59 -5.77
C THR A 801 23.11 -34.95 -7.06
N PRO A 802 24.41 -35.27 -6.96
CA PRO A 802 25.26 -35.57 -8.11
C PRO A 802 24.82 -36.84 -8.86
N GLY A 803 25.19 -36.94 -10.12
CA GLY A 803 25.00 -38.18 -10.89
C GLY A 803 25.93 -39.28 -10.39
N PRO A 804 25.61 -40.55 -10.72
CA PRO A 804 26.44 -41.66 -10.25
C PRO A 804 27.82 -41.68 -10.92
N SER A 805 28.83 -42.14 -10.20
CA SER A 805 30.20 -42.26 -10.74
C SER A 805 30.22 -43.28 -11.86
N ILE A 806 30.11 -44.55 -11.48
CA ILE A 806 29.95 -45.65 -12.42
C ILE A 806 28.50 -45.57 -12.92
N PRO A 807 28.30 -45.59 -14.25
CA PRO A 807 26.92 -45.65 -14.75
C PRO A 807 26.26 -46.96 -14.33
N GLY A 808 24.99 -46.88 -13.94
CA GLY A 808 24.24 -48.04 -13.44
C GLY A 808 24.39 -48.29 -11.95
N ALA A 809 25.17 -47.44 -11.28
CA ALA A 809 25.32 -47.51 -9.82
C ALA A 809 24.12 -46.82 -9.14
N PRO A 810 23.83 -47.18 -7.87
CA PRO A 810 22.64 -46.67 -7.19
C PRO A 810 22.58 -45.14 -7.08
N GLN A 811 21.36 -44.64 -6.87
CA GLN A 811 21.10 -43.21 -6.66
C GLN A 811 21.89 -42.65 -5.47
N PRO A 812 22.77 -41.65 -5.74
CA PRO A 812 23.67 -41.12 -4.72
C PRO A 812 22.98 -40.26 -3.64
N ILE A 813 23.73 -40.02 -2.58
CA ILE A 813 23.37 -39.10 -1.51
C ILE A 813 23.45 -37.66 -2.05
N PRO A 814 22.58 -36.76 -1.55
CA PRO A 814 22.74 -35.33 -1.80
C PRO A 814 24.03 -34.77 -1.19
N ARG A 815 24.73 -33.93 -1.96
CA ARG A 815 26.05 -33.44 -1.55
C ARG A 815 26.11 -31.93 -1.32
N LEU A 816 25.41 -31.18 -2.18
CA LEU A 816 25.44 -29.71 -2.15
C LEU A 816 24.16 -29.13 -1.57
N PHE A 817 24.31 -28.39 -0.47
CA PHE A 817 23.18 -27.83 0.26
C PHE A 817 23.21 -26.30 0.25
N PHE A 818 22.04 -25.68 0.41
CA PHE A 818 21.96 -24.22 0.37
C PHE A 818 21.24 -23.63 1.56
N ALA A 819 21.94 -22.77 2.28
CA ALA A 819 21.33 -21.94 3.31
C ALA A 819 21.52 -20.48 2.94
N GLY A 820 20.93 -19.59 3.73
CA GLY A 820 21.04 -18.17 3.47
C GLY A 820 19.71 -17.48 3.37
N GLU A 821 19.74 -16.19 3.70
CA GLU A 821 18.62 -15.27 3.67
C GLU A 821 17.65 -15.44 2.47
N HIS A 822 18.17 -15.94 1.36
CA HIS A 822 17.37 -16.11 0.13
C HIS A 822 16.82 -17.50 -0.04
N THR A 823 16.88 -18.32 1.01
CA THR A 823 16.41 -19.70 0.95
C THR A 823 15.20 -19.95 1.85
N ILE A 824 14.87 -18.95 2.66
CA ILE A 824 13.81 -19.10 3.64
C ILE A 824 12.56 -18.29 3.23
N ARG A 825 11.65 -19.01 2.59
CA ARG A 825 10.40 -18.47 2.02
C ARG A 825 9.60 -17.56 2.95
N ASN A 826 9.55 -17.94 4.23
CA ASN A 826 8.70 -17.25 5.19
C ASN A 826 9.40 -16.17 5.99
N TYR A 827 10.73 -16.06 5.85
CA TYR A 827 11.52 -15.06 6.58
C TYR A 827 12.65 -14.49 5.75
N PRO A 828 12.40 -14.20 4.45
CA PRO A 828 13.51 -13.77 3.61
C PRO A 828 14.08 -12.41 4.02
N ALA A 829 15.24 -12.09 3.47
CA ALA A 829 15.90 -10.80 3.64
C ALA A 829 16.07 -10.30 5.07
N THR A 830 16.33 -11.20 6.01
CA THR A 830 16.53 -10.80 7.41
C THR A 830 17.68 -11.56 8.07
N VAL A 831 17.98 -11.22 9.33
CA VAL A 831 18.95 -11.99 10.10
C VAL A 831 18.32 -13.28 10.59
N HIS A 832 17.21 -13.18 11.33
CA HIS A 832 16.54 -14.36 11.86
C HIS A 832 16.23 -15.34 10.77
N GLY A 833 15.98 -14.83 9.57
CA GLY A 833 15.74 -15.68 8.40
C GLY A 833 16.96 -16.52 8.10
N ALA A 834 18.10 -15.85 7.93
CA ALA A 834 19.38 -16.52 7.75
C ALA A 834 19.61 -17.51 8.89
N LEU A 835 19.61 -17.00 10.13
CA LEU A 835 19.76 -17.81 11.34
C LEU A 835 18.96 -19.10 11.25
N LEU A 836 17.68 -19.00 10.91
CA LEU A 836 16.83 -20.18 10.78
C LEU A 836 17.20 -21.07 9.60
N SER A 837 17.61 -20.45 8.49
CA SER A 837 17.98 -21.21 7.29
C SER A 837 19.20 -22.07 7.59
N GLY A 838 20.12 -21.51 8.38
CA GLY A 838 21.27 -22.23 8.89
C GLY A 838 20.81 -23.46 9.66
N LEU A 839 20.09 -23.22 10.77
CA LEU A 839 19.57 -24.29 11.60
C LEU A 839 18.90 -25.38 10.77
N ARG A 840 18.15 -24.97 9.76
CA ARG A 840 17.40 -25.88 8.88
C ARG A 840 18.33 -26.85 8.17
N GLU A 841 19.33 -26.31 7.48
CA GLU A 841 20.25 -27.12 6.68
C GLU A 841 21.07 -28.06 7.56
N ALA A 842 21.56 -27.53 8.69
CA ALA A 842 22.23 -28.34 9.69
C ALA A 842 21.42 -29.59 10.01
N GLY A 843 20.15 -29.40 10.37
CA GLY A 843 19.27 -30.50 10.68
C GLY A 843 19.15 -31.50 9.54
N ARG A 844 19.08 -30.99 8.32
CA ARG A 844 18.95 -31.84 7.13
C ARG A 844 20.23 -32.62 6.85
N ILE A 845 21.36 -31.95 6.97
CA ILE A 845 22.68 -32.55 6.75
C ILE A 845 22.98 -33.61 7.81
N ALA A 846 22.70 -33.29 9.07
CA ALA A 846 22.89 -34.23 10.17
C ALA A 846 21.99 -35.46 10.00
N ASP A 847 20.74 -35.26 9.58
CA ASP A 847 19.85 -36.37 9.26
C ASP A 847 20.45 -37.27 8.19
N GLN A 848 21.07 -36.63 7.20
CA GLN A 848 21.62 -37.30 6.04
C GLN A 848 22.84 -38.16 6.37
N PHE A 849 23.77 -37.61 7.12
CA PHE A 849 25.08 -38.24 7.30
C PHE A 849 25.28 -38.91 8.65
N LEU A 850 24.49 -38.52 9.65
CA LEU A 850 24.55 -39.15 10.97
C LEU A 850 23.34 -40.05 11.20
N GLY A 851 22.35 -39.93 10.31
CA GLY A 851 21.15 -40.76 10.38
C GLY A 851 20.13 -40.26 11.39
N ALA A 852 18.86 -40.30 10.97
CA ALA A 852 17.75 -39.89 11.83
C ALA A 852 17.35 -41.04 12.75
N MET A 853 17.79 -40.95 14.00
CA MET A 853 17.57 -42.01 14.99
C MET A 853 16.18 -41.91 15.63
N TYR A 854 15.51 -40.78 15.41
CA TYR A 854 14.27 -40.42 16.11
C TYR A 854 12.98 -40.69 15.33
N THR A 855 13.10 -41.04 14.04
CA THR A 855 11.93 -41.27 13.18
C THR A 855 11.21 -42.60 13.49
N LEU A 856 11.97 -43.57 14.02
CA LEU A 856 11.42 -44.87 14.43
C LEU A 856 10.84 -44.81 15.84
N ARG B 308 -13.21 -7.74 -1.06
CA ARG B 308 -14.58 -7.65 -1.68
C ARG B 308 -14.74 -6.40 -2.53
N LYS B 309 -14.44 -5.24 -1.93
CA LYS B 309 -14.59 -3.95 -2.58
C LYS B 309 -13.45 -3.01 -2.22
N PRO B 310 -13.15 -2.00 -3.08
CA PRO B 310 -12.03 -1.08 -2.88
C PRO B 310 -12.11 -0.32 -1.56
N PRO B 311 -11.00 0.29 -1.11
CA PRO B 311 -11.05 1.14 0.08
C PRO B 311 -11.94 2.35 -0.13
N LYS B 312 -12.34 2.99 0.96
CA LYS B 312 -13.12 4.23 0.89
C LYS B 312 -12.35 5.33 0.17
N GLY B 313 -13.05 6.10 -0.66
CA GLY B 313 -12.45 7.20 -1.44
C GLY B 313 -11.39 6.73 -2.43
N MET B 314 -11.57 5.51 -2.93
CA MET B 314 -10.66 4.94 -3.90
C MET B 314 -11.54 4.30 -4.97
N PHE B 315 -11.33 4.67 -6.22
CA PHE B 315 -12.22 4.27 -7.30
C PHE B 315 -11.52 3.46 -8.39
N LEU B 316 -11.87 2.19 -8.49
CA LEU B 316 -11.20 1.26 -9.38
C LEU B 316 -12.20 0.24 -9.92
N SER B 317 -12.84 0.57 -11.03
CA SER B 317 -13.75 -0.38 -11.68
C SER B 317 -12.98 -1.20 -12.71
N GLN B 318 -13.40 -2.45 -12.88
CA GLN B 318 -12.78 -3.37 -13.84
C GLN B 318 -12.59 -2.73 -15.22
N GLU B 319 -13.65 -2.05 -15.67
CA GLU B 319 -13.66 -1.36 -16.97
C GLU B 319 -12.59 -0.27 -17.07
N ASP B 320 -12.48 0.53 -16.00
CA ASP B 320 -11.55 1.67 -15.96
C ASP B 320 -10.08 1.24 -15.99
N VAL B 321 -9.79 0.11 -15.36
CA VAL B 321 -8.43 -0.44 -15.32
C VAL B 321 -7.99 -0.81 -16.74
N GLU B 322 -8.87 -1.51 -17.45
CA GLU B 322 -8.61 -1.94 -18.83
C GLU B 322 -8.43 -0.75 -19.76
N ALA B 323 -9.15 0.33 -19.48
CA ALA B 323 -9.13 1.54 -20.30
C ALA B 323 -7.83 2.33 -20.19
N VAL B 324 -7.28 2.40 -18.98
CA VAL B 324 -6.06 3.17 -18.70
C VAL B 324 -4.79 2.38 -19.03
N SER B 325 -4.95 1.07 -19.23
CA SER B 325 -3.84 0.18 -19.54
C SER B 325 -3.86 -0.36 -20.98
N ALA B 326 -4.90 0.03 -21.74
CA ALA B 326 -5.13 -0.47 -23.10
C ALA B 326 -3.92 -0.38 -24.04
N ASN B 327 -3.11 0.66 -23.88
CA ASN B 327 -1.84 0.78 -24.61
C ASN B 327 -0.77 1.54 -23.82
N ALA B 328 0.29 1.97 -24.50
CA ALA B 328 1.43 2.64 -23.87
C ALA B 328 1.09 4.03 -23.31
N THR B 329 0.22 4.76 -24.00
CA THR B 329 -0.16 6.12 -23.58
C THR B 329 -1.68 6.32 -23.51
N ALA B 330 -2.42 5.23 -23.32
CA ALA B 330 -3.87 5.31 -23.09
C ALA B 330 -4.17 6.04 -21.78
N ALA B 331 -3.16 6.11 -20.91
CA ALA B 331 -3.26 6.80 -19.63
C ALA B 331 -3.47 8.30 -19.81
N THR B 332 -2.52 8.97 -20.46
CA THR B 332 -2.59 10.41 -20.68
C THR B 332 -3.61 10.83 -21.74
N THR B 333 -3.93 9.91 -22.66
CA THR B 333 -4.97 10.13 -23.66
C THR B 333 -6.31 10.38 -22.99
N VAL B 334 -6.73 9.44 -22.14
CA VAL B 334 -7.99 9.52 -21.40
C VAL B 334 -8.03 10.76 -20.49
N LEU B 335 -6.91 11.06 -19.84
CA LEU B 335 -6.81 12.22 -18.94
C LEU B 335 -6.82 13.56 -19.68
N ARG B 336 -6.48 13.55 -20.97
CA ARG B 336 -6.56 14.75 -21.81
C ARG B 336 -7.96 14.99 -22.36
N GLN B 337 -8.61 13.93 -22.84
CA GLN B 337 -9.98 14.02 -23.34
C GLN B 337 -10.92 14.65 -22.31
N LEU B 338 -10.70 14.32 -21.05
CA LEU B 338 -11.47 14.89 -19.95
C LEU B 338 -11.01 16.31 -19.63
N ASP B 339 -9.72 16.58 -19.80
CA ASP B 339 -9.17 17.93 -19.62
C ASP B 339 -9.73 18.92 -20.63
N MET B 340 -9.92 18.45 -21.86
CA MET B 340 -10.53 19.25 -22.92
C MET B 340 -12.05 19.29 -22.78
N GLU B 341 -12.62 18.18 -22.30
CA GLU B 341 -14.06 18.11 -21.99
C GLU B 341 -14.43 19.12 -20.92
N LEU B 342 -13.56 19.29 -19.93
CA LEU B 342 -13.76 20.24 -18.85
C LEU B 342 -13.73 21.68 -19.37
N VAL B 343 -12.72 21.99 -20.18
CA VAL B 343 -12.56 23.31 -20.79
C VAL B 343 -13.78 23.66 -21.65
N SER B 344 -14.22 22.70 -22.47
CA SER B 344 -15.40 22.84 -23.30
C SER B 344 -16.65 23.20 -22.48
N VAL B 345 -16.96 22.38 -21.48
CA VAL B 345 -18.13 22.58 -20.63
C VAL B 345 -18.03 23.86 -19.79
N LYS B 346 -16.81 24.24 -19.42
CA LYS B 346 -16.61 25.41 -18.57
C LYS B 346 -16.90 26.73 -19.29
N ARG B 347 -16.48 26.83 -20.55
CA ARG B 347 -16.74 28.03 -21.34
C ARG B 347 -18.18 28.08 -21.83
N GLN B 348 -18.78 26.90 -22.01
CA GLN B 348 -20.20 26.78 -22.35
C GLN B 348 -21.06 27.34 -21.22
N ILE B 349 -20.59 27.19 -19.98
CA ILE B 349 -21.27 27.75 -18.82
C ILE B 349 -21.34 29.26 -18.92
N GLN B 350 -20.19 29.90 -19.12
CA GLN B 350 -20.12 31.36 -19.16
C GLN B 350 -20.90 31.96 -20.32
N ASN B 351 -20.97 31.19 -21.42
CA ASN B 351 -21.75 31.58 -22.58
C ASN B 351 -23.25 31.67 -22.25
N ILE B 352 -23.76 30.67 -21.55
CA ILE B 352 -25.16 30.65 -21.11
C ILE B 352 -25.36 31.53 -19.87
N LYS B 353 -24.26 31.85 -19.19
CA LYS B 353 -24.29 32.79 -18.08
C LYS B 353 -24.42 34.20 -18.62
N GLN B 354 -23.77 34.45 -19.74
CA GLN B 354 -23.84 35.73 -20.45
C GLN B 354 -25.22 35.91 -21.10
N THR B 355 -25.73 34.85 -21.73
CA THR B 355 -27.05 34.85 -22.34
C THR B 355 -28.14 35.13 -21.33
N ASN B 356 -28.06 34.48 -20.16
CA ASN B 356 -29.02 34.70 -19.08
C ASN B 356 -28.89 36.06 -18.41
N SER B 357 -27.66 36.60 -18.40
CA SER B 357 -27.40 37.92 -17.83
C SER B 357 -28.13 39.01 -18.61
N ALA B 358 -28.13 38.90 -19.93
CA ALA B 358 -28.80 39.85 -20.82
C ALA B 358 -30.33 39.73 -20.75
N LEU B 359 -30.82 38.49 -20.65
CA LEU B 359 -32.25 38.23 -20.51
C LEU B 359 -32.82 38.73 -19.17
N LYS B 360 -31.94 38.86 -18.18
CA LYS B 360 -32.33 39.37 -16.87
C LYS B 360 -32.43 40.90 -16.88
N GLU B 361 -31.62 41.55 -17.70
CA GLU B 361 -31.65 43.00 -17.83
C GLU B 361 -32.91 43.47 -18.55
N LYS B 362 -33.40 42.66 -19.48
CA LYS B 362 -34.64 42.94 -20.19
C LYS B 362 -35.85 42.79 -19.27
N LEU B 363 -35.76 41.87 -18.31
CA LEU B 363 -36.82 41.68 -17.33
C LEU B 363 -36.79 42.72 -16.19
N ASP B 364 -35.81 43.62 -16.21
CA ASP B 364 -35.67 44.61 -15.15
C ASP B 364 -36.85 45.57 -15.10
N GLY B 365 -37.33 45.83 -13.89
CA GLY B 365 -38.54 46.60 -13.66
C GLY B 365 -39.71 45.70 -13.29
N GLY B 366 -39.58 44.42 -13.62
CA GLY B 366 -40.64 43.44 -13.40
C GLY B 366 -41.85 43.76 -14.26
N ILE B 367 -43.03 43.52 -13.71
CA ILE B 367 -44.27 43.93 -14.35
C ILE B 367 -45.04 44.92 -13.47
N GLU B 368 -44.29 45.75 -12.75
CA GLU B 368 -44.89 46.67 -11.77
C GLU B 368 -45.80 47.73 -12.39
N PRO B 369 -45.32 48.45 -13.42
CA PRO B 369 -46.19 49.44 -14.06
C PRO B 369 -47.29 48.82 -14.93
N TYR B 370 -47.65 47.58 -14.64
CA TYR B 370 -48.63 46.84 -15.44
C TYR B 370 -49.63 46.10 -14.56
N ARG B 371 -49.51 46.26 -13.24
CA ARG B 371 -50.42 45.61 -12.30
C ARG B 371 -51.67 46.42 -12.08
N LEU B 372 -52.81 45.73 -12.03
CA LEU B 372 -54.09 46.36 -11.75
C LEU B 372 -54.53 46.04 -10.32
N PRO B 373 -54.95 47.06 -9.57
CA PRO B 373 -55.36 46.91 -8.16
C PRO B 373 -56.42 45.83 -7.93
N GLU B 374 -56.45 45.30 -6.71
CA GLU B 374 -57.34 44.21 -6.32
C GLU B 374 -58.81 44.64 -6.27
N VAL B 375 -59.63 44.08 -7.16
CA VAL B 375 -61.06 44.34 -7.17
C VAL B 375 -61.77 43.37 -6.23
N ILE B 376 -61.93 43.80 -4.97
CA ILE B 376 -62.62 42.99 -3.96
C ILE B 376 -64.10 43.29 -3.92
N GLN B 377 -64.92 42.36 -4.41
CA GLN B 377 -66.37 42.54 -4.45
C GLN B 377 -67.13 41.30 -3.99
N LYS B 378 -68.21 41.53 -3.26
CA LYS B 378 -69.02 40.45 -2.69
C LYS B 378 -69.92 39.79 -3.73
N CYS B 379 -69.97 38.47 -3.70
CA CYS B 379 -70.71 37.66 -4.67
C CYS B 379 -72.22 37.85 -4.53
N ASN B 380 -72.91 37.99 -5.65
CA ASN B 380 -74.35 38.23 -5.68
C ASN B 380 -75.12 37.07 -6.33
N ALA B 381 -76.39 36.93 -5.95
CA ALA B 381 -77.23 35.83 -6.44
C ALA B 381 -78.06 36.21 -7.69
N ARG B 382 -78.50 37.46 -7.76
CA ARG B 382 -79.34 37.93 -8.86
C ARG B 382 -78.54 38.24 -10.13
N TRP B 383 -79.07 37.81 -11.27
CA TRP B 383 -78.47 38.08 -12.57
C TRP B 383 -79.09 39.29 -13.22
N THR B 384 -78.38 40.43 -13.15
CA THR B 384 -78.87 41.64 -13.80
C THR B 384 -78.78 41.50 -15.32
N THR B 385 -79.60 42.28 -16.03
CA THR B 385 -79.62 42.26 -17.49
C THR B 385 -78.24 42.57 -18.05
N GLU B 386 -77.54 43.48 -17.38
CA GLU B 386 -76.16 43.81 -17.72
C GLU B 386 -75.28 42.57 -17.61
N GLU B 387 -75.36 41.91 -16.45
CA GLU B 387 -74.55 40.73 -16.15
C GLU B 387 -74.81 39.56 -17.09
N GLN B 388 -76.07 39.39 -17.48
CA GLN B 388 -76.47 38.36 -18.42
C GLN B 388 -75.78 38.54 -19.77
N LEU B 389 -75.71 39.79 -20.23
CA LEU B 389 -75.11 40.12 -21.52
C LEU B 389 -73.59 39.95 -21.49
N LEU B 390 -72.97 40.39 -20.41
CA LEU B 390 -71.55 40.16 -20.17
C LEU B 390 -71.23 38.66 -20.28
N ALA B 391 -72.12 37.85 -19.69
CA ALA B 391 -71.99 36.40 -19.70
C ALA B 391 -72.01 35.83 -21.11
N VAL B 392 -73.04 36.16 -21.89
CA VAL B 392 -73.15 35.70 -23.27
C VAL B 392 -71.87 35.95 -24.05
N GLN B 393 -71.28 37.13 -23.85
CA GLN B 393 -70.05 37.52 -24.53
C GLN B 393 -68.85 36.73 -24.01
N ALA B 394 -68.86 36.46 -22.70
CA ALA B 394 -67.80 35.69 -22.06
C ALA B 394 -67.79 34.23 -22.53
N ILE B 395 -68.98 33.70 -22.78
CA ILE B 395 -69.13 32.36 -23.35
C ILE B 395 -68.54 32.33 -24.76
N ARG B 396 -68.86 33.35 -25.55
CA ARG B 396 -68.35 33.48 -26.91
C ARG B 396 -66.82 33.56 -26.97
N LYS B 397 -66.21 34.15 -25.94
CA LYS B 397 -64.77 34.38 -25.93
C LYS B 397 -63.97 33.35 -25.13
N TYR B 398 -64.63 32.65 -24.20
CA TYR B 398 -63.92 31.72 -23.30
C TYR B 398 -64.42 30.28 -23.31
N GLY B 399 -65.57 30.05 -23.96
CA GLY B 399 -66.15 28.72 -24.08
C GLY B 399 -66.70 28.16 -22.77
N ARG B 400 -66.00 27.18 -22.22
CA ARG B 400 -66.45 26.48 -21.00
C ARG B 400 -65.63 26.83 -19.77
N ASP B 401 -64.68 27.75 -19.91
CA ASP B 401 -63.84 28.17 -18.80
C ASP B 401 -64.67 28.99 -17.79
N PHE B 402 -65.37 28.28 -16.91
CA PHE B 402 -66.28 28.89 -15.94
C PHE B 402 -65.55 29.85 -14.99
N GLN B 403 -64.27 29.59 -14.77
CA GLN B 403 -63.45 30.43 -13.91
C GLN B 403 -63.20 31.80 -14.53
N ALA B 404 -62.79 31.80 -15.79
CA ALA B 404 -62.58 33.03 -16.55
C ALA B 404 -63.86 33.86 -16.59
N ILE B 405 -64.97 33.22 -16.97
CA ILE B 405 -66.28 33.87 -17.03
C ILE B 405 -66.67 34.48 -15.68
N SER B 406 -66.41 33.74 -14.60
CA SER B 406 -66.66 34.22 -13.24
C SER B 406 -65.84 35.47 -12.89
N ASP B 407 -64.65 35.57 -13.47
CA ASP B 407 -63.78 36.71 -13.24
C ASP B 407 -64.23 37.94 -14.02
N VAL B 408 -64.65 37.72 -15.27
CA VAL B 408 -65.14 38.80 -16.14
C VAL B 408 -66.34 39.51 -15.51
N ILE B 409 -67.36 38.72 -15.15
CA ILE B 409 -68.56 39.25 -14.50
C ILE B 409 -68.22 39.86 -13.13
N GLY B 410 -67.48 39.10 -12.32
CA GLY B 410 -66.94 39.63 -11.07
C GLY B 410 -67.74 39.33 -9.82
N ASN B 411 -69.06 39.25 -9.96
CA ASN B 411 -69.95 38.96 -8.82
C ASN B 411 -70.77 37.69 -9.01
N LYS B 412 -70.18 36.70 -9.67
CA LYS B 412 -70.79 35.38 -9.81
C LYS B 412 -69.77 34.29 -9.50
N SER B 413 -70.22 33.25 -8.80
CA SER B 413 -69.36 32.13 -8.43
C SER B 413 -69.25 31.13 -9.59
N VAL B 414 -68.20 30.32 -9.56
CA VAL B 414 -67.89 29.35 -10.62
C VAL B 414 -69.07 28.40 -10.90
N VAL B 415 -69.81 28.05 -9.85
CA VAL B 415 -70.97 27.17 -9.98
C VAL B 415 -72.20 27.91 -10.53
N GLN B 416 -72.35 29.18 -10.13
CA GLN B 416 -73.43 30.03 -10.63
C GLN B 416 -73.33 30.20 -12.14
N VAL B 417 -72.09 30.28 -12.64
CA VAL B 417 -71.79 30.30 -14.07
C VAL B 417 -72.30 29.00 -14.72
N LYS B 418 -72.03 27.86 -14.07
CA LYS B 418 -72.50 26.56 -14.54
C LYS B 418 -74.02 26.45 -14.50
N ASN B 419 -74.62 27.06 -13.47
CA ASN B 419 -76.07 27.14 -13.35
C ASN B 419 -76.67 27.93 -14.51
N PHE B 420 -76.12 29.13 -14.73
CA PHE B 420 -76.48 29.99 -15.86
C PHE B 420 -76.52 29.20 -17.17
N PHE B 421 -75.49 28.39 -17.39
CA PHE B 421 -75.35 27.59 -18.61
C PHE B 421 -76.55 26.71 -18.93
N VAL B 422 -77.28 26.28 -17.90
CA VAL B 422 -78.41 25.38 -18.08
C VAL B 422 -79.75 26.14 -18.06
N ASN B 423 -79.83 27.18 -17.23
CA ASN B 423 -81.05 27.98 -17.08
C ASN B 423 -81.45 28.72 -18.35
N TYR B 424 -80.48 29.45 -18.91
CA TYR B 424 -80.72 30.32 -20.06
C TYR B 424 -80.35 29.63 -21.37
N ARG B 425 -79.93 28.37 -21.25
CA ARG B 425 -79.52 27.55 -22.39
C ARG B 425 -80.40 27.72 -23.63
N ARG B 426 -81.71 27.82 -23.40
CA ARG B 426 -82.68 28.00 -24.47
C ARG B 426 -82.75 29.45 -24.97
N ARG B 427 -82.75 30.39 -24.02
CA ARG B 427 -83.02 31.81 -24.30
C ARG B 427 -81.81 32.54 -24.90
N PHE B 428 -80.61 32.06 -24.60
CA PHE B 428 -79.39 32.66 -25.13
C PHE B 428 -78.67 31.75 -26.12
N ASN B 429 -79.41 30.80 -26.70
CA ASN B 429 -78.88 29.86 -27.70
C ASN B 429 -77.43 29.42 -27.45
N ILE B 430 -77.14 29.07 -26.20
CA ILE B 430 -75.77 28.77 -25.76
C ILE B 430 -75.13 27.62 -26.55
N ASP B 431 -75.97 26.78 -27.14
CA ASP B 431 -75.52 25.73 -28.05
C ASP B 431 -74.76 26.34 -29.24
N GLU B 432 -75.40 27.30 -29.91
CA GLU B 432 -74.81 28.00 -31.06
C GLU B 432 -73.57 28.80 -30.67
N VAL B 433 -73.65 29.46 -29.51
CA VAL B 433 -72.56 30.30 -29.01
C VAL B 433 -71.30 29.48 -28.76
N LEU B 434 -71.48 28.27 -28.21
CA LEU B 434 -70.36 27.39 -27.87
C LEU B 434 -69.70 26.75 -29.09
N GLN B 435 -70.50 26.38 -30.09
CA GLN B 435 -69.96 25.78 -31.32
C GLN B 435 -69.21 26.80 -32.18
N GLU B 436 -69.54 28.07 -32.01
CA GLU B 436 -68.82 29.17 -32.67
C GLU B 436 -67.49 29.50 -31.99
N TRP B 437 -67.39 29.18 -30.70
CA TRP B 437 -66.16 29.35 -29.95
C TRP B 437 -65.11 28.36 -30.40
N GLU B 438 -65.55 27.14 -30.69
CA GLU B 438 -64.68 26.07 -31.15
C GLU B 438 -64.16 26.30 -32.57
N ALA B 439 -64.96 27.00 -33.38
CA ALA B 439 -64.59 27.35 -34.75
C ALA B 439 -63.34 28.22 -34.85
N GLU B 440 -63.02 28.91 -33.76
CA GLU B 440 -61.79 29.72 -33.67
C GLU B 440 -60.63 28.92 -33.10
N PRO C 1 11.98 -6.70 3.18
CA PRO C 1 10.57 -6.99 2.94
C PRO C 1 9.64 -5.96 3.59
N LYS C 2 8.35 -6.29 3.65
CA LYS C 2 7.34 -5.45 4.30
C LYS C 2 7.72 -4.95 5.68
N SER C 3 8.33 -5.84 6.47
CA SER C 3 8.62 -5.57 7.89
C SER C 3 9.64 -4.46 8.16
N PHE C 4 10.41 -4.05 7.15
CA PHE C 4 11.40 -2.98 7.32
C PHE C 4 10.80 -1.57 7.24
N LEU C 5 9.53 -1.48 6.82
CA LEU C 5 8.81 -0.20 6.72
C LEU C 5 8.87 0.61 8.02
N VAL C 6 9.15 1.89 7.89
CA VAL C 6 9.35 2.78 9.03
C VAL C 6 8.03 3.22 9.67
#